data_8ILH
#
_entry.id   8ILH
#
_cell.length_a   60.471
_cell.length_b   87.280
_cell.length_c   87.056
_cell.angle_alpha   90.00
_cell.angle_beta   91.15
_cell.angle_gamma   90.00
#
_symmetry.space_group_name_H-M   'P 1 21 1'
#
loop_
_entity.id
_entity.type
_entity.pdbx_description
1 polymer 'Repair DNA polymerase X'
2 polymer "DNA (5'-D(*CP*GP*GP*AP*TP*CP*C)-3')"
3 non-polymer 'MAGNESIUM ION'
4 non-polymer 'SULFATE ION'
5 non-polymer '[[(2R,3S,5R)-5-(2-azanyl-6-oxidanylidene-3H-purin-9-yl)-3-oxidanyl-oxolan-2-yl]methoxy-selanyl-phosphoryl] dihydrogen phosphate'
6 non-polymer "2'-DEOXYGUANOSINE-5'-MONOSELENOPHOSPHATE"
7 water water
#
loop_
_entity_poly.entity_id
_entity_poly.type
_entity_poly.pdbx_seq_one_letter_code
_entity_poly.pdbx_strand_id
1 'polypeptide(L)'
;GGGMLTLIQGKKIVNHLRSRLAFEYNGQLIKILSKNIVAVGSLRREEKMLNDVDLLIIVPEKKLLKHVLPNIRIKGLSFS
VKVCGERKCVLFIEWEKKTYQLDLFTALAEEKPYAIFHFTGPVSYLIRIRAALKKKNYKLNQYGLFKNQTLVPLKITTEK
ELIKELGFTYRIPKKRL
;
A,B,C,D
2 'polydeoxyribonucleotide' (DC)(DG)(DG)(DA)(DT)(DC)(DC) E,F,G,H
#
# COMPACT_ATOMS: atom_id res chain seq x y z
N GLY A 2 -12.77 6.60 -13.20
CA GLY A 2 -11.88 7.80 -12.98
C GLY A 2 -10.40 7.45 -13.08
N GLY A 3 -9.61 8.39 -13.61
CA GLY A 3 -8.17 8.16 -13.83
C GLY A 3 -7.32 8.29 -12.58
N MET A 4 -6.06 7.89 -12.66
CA MET A 4 -5.11 8.08 -11.56
C MET A 4 -4.56 9.51 -11.55
N LEU A 5 -4.21 9.96 -10.35
CA LEU A 5 -3.74 11.34 -10.10
C LEU A 5 -2.40 11.29 -9.44
N THR A 6 -1.62 12.34 -9.61
CA THR A 6 -0.42 12.55 -8.83
C THR A 6 -0.81 13.20 -7.50
N LEU A 7 0.10 13.11 -6.53
CA LEU A 7 -0.07 13.76 -5.24
C LEU A 7 -0.33 15.25 -5.38
N ILE A 8 0.45 15.93 -6.24
CA ILE A 8 0.33 17.39 -6.46
C ILE A 8 -1.03 17.74 -7.07
N GLN A 9 -1.47 16.95 -8.05
CA GLN A 9 -2.79 17.14 -8.66
C GLN A 9 -3.89 17.01 -7.60
N GLY A 10 -3.80 15.97 -6.78
CA GLY A 10 -4.71 15.78 -5.66
C GLY A 10 -4.77 16.96 -4.71
N LYS A 11 -3.61 17.44 -4.28
CA LYS A 11 -3.53 18.64 -3.43
C LYS A 11 -4.16 19.87 -4.09
N LYS A 12 -3.92 20.05 -5.39
CA LYS A 12 -4.52 21.17 -6.14
C LYS A 12 -6.04 21.07 -6.18
N ILE A 13 -6.55 19.86 -6.42
CA ILE A 13 -8.00 19.63 -6.43
C ILE A 13 -8.63 19.97 -5.08
N VAL A 14 -7.98 19.53 -3.99
CA VAL A 14 -8.52 19.77 -2.65
C VAL A 14 -8.55 21.26 -2.34
N ASN A 15 -7.44 21.92 -2.64
CA ASN A 15 -7.34 23.37 -2.47
C ASN A 15 -8.47 24.11 -3.19
N HIS A 16 -8.71 23.72 -4.43
CA HIS A 16 -9.80 24.28 -5.22
C HIS A 16 -11.16 24.03 -4.56
N LEU A 17 -11.37 22.81 -4.07
CA LEU A 17 -12.64 22.43 -3.44
C LEU A 17 -12.94 23.12 -2.10
N ARG A 18 -11.90 23.49 -1.36
CA ARG A 18 -12.08 24.04 -0.01
C ARG A 18 -13.01 25.24 0.13
N SER A 19 -13.07 26.06 -0.91
CA SER A 19 -13.91 27.25 -0.89
C SER A 19 -15.18 27.09 -1.72
N ARG A 20 -15.37 25.93 -2.34
CA ARG A 20 -16.43 25.74 -3.33
C ARG A 20 -17.46 24.68 -3.00
N LEU A 21 -17.37 24.07 -1.81
CA LEU A 21 -18.33 23.03 -1.41
C LEU A 21 -19.50 23.65 -0.67
N ALA A 22 -20.69 23.16 -0.98
CA ALA A 22 -21.92 23.60 -0.34
C ALA A 22 -22.97 22.50 -0.45
N PHE A 23 -24.09 22.68 0.24
CA PHE A 23 -25.24 21.79 0.06
C PHE A 23 -26.53 22.57 0.10
N GLU A 24 -27.54 22.04 -0.58
CA GLU A 24 -28.86 22.65 -0.61
C GLU A 24 -29.72 22.06 0.50
N TYR A 25 -30.21 22.94 1.38
CA TYR A 25 -31.03 22.56 2.55
C TYR A 25 -32.41 23.18 2.45
N ASN A 26 -33.37 22.40 1.97
CA ASN A 26 -34.74 22.86 1.71
C ASN A 26 -34.76 24.17 0.91
N GLY A 27 -34.03 24.18 -0.20
CA GLY A 27 -33.94 25.36 -1.08
C GLY A 27 -32.90 26.43 -0.74
N GLN A 28 -32.22 26.30 0.40
CA GLN A 28 -31.20 27.24 0.86
C GLN A 28 -29.78 26.67 0.63
N LEU A 29 -28.95 27.38 -0.12
CA LEU A 29 -27.56 26.98 -0.35
C LEU A 29 -26.73 27.30 0.88
N ILE A 30 -26.20 26.27 1.52
CA ILE A 30 -25.40 26.42 2.73
C ILE A 30 -23.97 26.04 2.42
N LYS A 31 -23.07 27.01 2.56
CA LYS A 31 -21.65 26.77 2.35
C LYS A 31 -21.06 25.87 3.40
N ILE A 32 -20.20 24.96 2.97
CA ILE A 32 -19.45 24.11 3.86
C ILE A 32 -18.15 24.86 4.10
N LEU A 33 -17.75 24.96 5.37
CA LEU A 33 -16.57 25.71 5.75
C LEU A 33 -15.29 24.89 5.61
N SER A 34 -14.21 25.57 5.20
CA SER A 34 -12.91 24.91 5.01
C SER A 34 -12.45 24.14 6.24
N LYS A 35 -12.65 24.72 7.44
CA LYS A 35 -12.27 24.05 8.70
C LYS A 35 -13.02 22.72 8.92
N ASN A 36 -14.16 22.53 8.24
CA ASN A 36 -14.93 21.29 8.26
C ASN A 36 -14.66 20.35 7.08
N ILE A 37 -13.56 20.57 6.37
CA ILE A 37 -13.14 19.72 5.25
C ILE A 37 -11.75 19.20 5.56
N VAL A 38 -11.63 17.87 5.67
CA VAL A 38 -10.36 17.22 6.00
C VAL A 38 -9.98 16.27 4.86
N ALA A 39 -8.76 16.45 4.31
CA ALA A 39 -8.21 15.50 3.37
C ALA A 39 -7.85 14.22 4.14
N VAL A 40 -8.30 13.09 3.61
CA VAL A 40 -8.07 11.77 4.23
C VAL A 40 -7.56 10.82 3.13
N GLY A 41 -7.59 9.51 3.39
CA GLY A 41 -7.16 8.53 2.40
C GLY A 41 -5.68 8.62 2.04
N SER A 42 -5.34 8.10 0.86
CA SER A 42 -3.94 8.03 0.43
C SER A 42 -3.30 9.42 0.24
N LEU A 43 -4.14 10.43 -0.07
CA LEU A 43 -3.70 11.82 -0.15
C LEU A 43 -3.11 12.31 1.17
N ARG A 44 -3.79 12.05 2.28
CA ARG A 44 -3.27 12.41 3.59
C ARG A 44 -2.02 11.59 3.93
N ARG A 45 -1.97 10.34 3.46
CA ARG A 45 -0.78 9.49 3.64
C ARG A 45 0.39 9.86 2.71
N GLU A 46 0.18 10.83 1.82
CA GLU A 46 1.22 11.39 0.95
C GLU A 46 1.80 10.37 -0.02
N GLU A 47 0.94 9.51 -0.55
CA GLU A 47 1.35 8.56 -1.57
C GLU A 47 1.52 9.34 -2.87
N LYS A 48 2.41 8.86 -3.73
CA LYS A 48 2.83 9.63 -4.90
C LYS A 48 1.76 9.61 -5.99
N MET A 49 1.11 8.47 -6.17
CA MET A 49 -0.05 8.38 -7.06
C MET A 49 -1.30 8.04 -6.25
N LEU A 50 -2.42 8.58 -6.69
CA LEU A 50 -3.71 8.45 -6.02
C LEU A 50 -4.72 7.83 -6.97
N ASN A 51 -5.45 6.82 -6.48
CA ASN A 51 -6.59 6.28 -7.24
C ASN A 51 -7.79 7.23 -7.22
N ASP A 52 -7.80 8.15 -6.27
CA ASP A 52 -8.85 9.16 -6.13
C ASP A 52 -8.54 10.17 -5.05
N VAL A 53 -9.44 11.10 -4.82
CA VAL A 53 -9.32 12.08 -3.74
C VAL A 53 -10.41 11.80 -2.71
N ASP A 54 -10.00 11.71 -1.45
CA ASP A 54 -10.92 11.45 -0.33
C ASP A 54 -11.03 12.65 0.57
N LEU A 55 -12.26 13.13 0.77
CA LEU A 55 -12.54 14.24 1.68
C LEU A 55 -13.56 13.84 2.74
N LEU A 56 -13.24 14.20 3.98
CA LEU A 56 -14.14 14.02 5.10
C LEU A 56 -14.77 15.38 5.43
N ILE A 57 -16.11 15.42 5.47
CA ILE A 57 -16.87 16.62 5.78
C ILE A 57 -17.42 16.48 7.20
N ILE A 58 -17.10 17.44 8.07
CA ILE A 58 -17.59 17.43 9.43
C ILE A 58 -18.92 18.19 9.45
N VAL A 59 -19.98 17.51 9.87
CA VAL A 59 -21.35 18.03 9.86
C VAL A 59 -21.74 18.36 11.31
N PRO A 60 -22.15 19.62 11.60
CA PRO A 60 -22.34 20.06 13.00
C PRO A 60 -23.58 19.53 13.71
N GLU A 61 -24.59 19.07 12.96
CA GLU A 61 -25.86 18.57 13.53
C GLU A 61 -26.33 17.29 12.85
N LYS A 62 -26.87 16.36 13.64
CA LYS A 62 -27.32 15.05 13.13
C LYS A 62 -28.43 15.20 12.08
N LYS A 63 -29.32 16.18 12.28
CA LYS A 63 -30.45 16.44 11.37
C LYS A 63 -29.99 16.82 9.95
N LEU A 64 -28.79 17.38 9.82
CA LEU A 64 -28.24 17.76 8.52
C LEU A 64 -27.74 16.62 7.65
N LEU A 65 -27.42 15.46 8.25
CA LEU A 65 -26.88 14.33 7.49
C LEU A 65 -27.75 13.92 6.31
N LYS A 66 -29.06 13.97 6.45
CA LYS A 66 -29.92 13.65 5.31
C LYS A 66 -29.81 14.64 4.15
N HIS A 67 -29.30 15.84 4.41
CA HIS A 67 -29.23 16.92 3.41
C HIS A 67 -27.85 17.14 2.76
N VAL A 68 -26.77 16.89 3.48
CA VAL A 68 -25.44 17.35 3.02
C VAL A 68 -24.96 16.67 1.73
N LEU A 69 -24.64 15.38 1.79
CA LEU A 69 -24.15 14.69 0.60
C LEU A 69 -25.23 14.50 -0.47
N PRO A 70 -26.47 14.15 -0.06
CA PRO A 70 -27.54 13.99 -1.09
C PRO A 70 -27.91 15.27 -1.85
N ASN A 71 -27.55 16.44 -1.31
CA ASN A 71 -27.71 17.70 -2.06
C ASN A 71 -26.40 18.47 -2.18
N ILE A 72 -25.28 17.75 -2.34
CA ILE A 72 -23.98 18.40 -2.48
C ILE A 72 -23.94 19.31 -3.72
N ARG A 73 -23.22 20.42 -3.62
CA ARG A 73 -22.98 21.36 -4.71
C ARG A 73 -21.50 21.74 -4.73
N ILE A 74 -20.94 21.84 -5.94
CA ILE A 74 -19.56 22.26 -6.12
C ILE A 74 -19.58 23.39 -7.14
N LYS A 75 -19.25 24.59 -6.69
CA LYS A 75 -19.26 25.77 -7.56
C LYS A 75 -18.27 25.61 -8.73
N GLY A 76 -18.79 25.77 -9.94
CA GLY A 76 -17.95 25.87 -11.13
C GLY A 76 -17.30 24.61 -11.64
N LEU A 77 -17.54 23.46 -11.00
CA LEU A 77 -16.88 22.20 -11.36
C LEU A 77 -17.90 21.21 -11.89
N SER A 78 -17.58 20.61 -13.04
CA SER A 78 -18.43 19.58 -13.61
C SER A 78 -18.28 18.28 -12.87
N PHE A 79 -19.40 17.71 -12.43
CA PHE A 79 -19.35 16.40 -11.82
C PHE A 79 -20.65 15.64 -12.03
N SER A 80 -20.55 14.32 -11.86
CA SER A 80 -21.71 13.44 -11.83
C SER A 80 -21.60 12.51 -10.62
N VAL A 81 -22.75 11.99 -10.20
CA VAL A 81 -22.86 11.18 -8.98
C VAL A 81 -22.94 9.70 -9.32
N LYS A 82 -21.99 8.90 -8.83
CA LYS A 82 -22.00 7.45 -9.04
C LYS A 82 -22.87 6.72 -8.01
N VAL A 83 -22.57 6.88 -6.72
CA VAL A 83 -23.43 6.39 -5.63
C VAL A 83 -23.42 7.48 -4.58
N CYS A 84 -24.52 7.62 -3.85
CA CYS A 84 -24.63 8.67 -2.84
C CYS A 84 -25.65 8.31 -1.78
N GLY A 85 -25.24 8.45 -0.53
CA GLY A 85 -26.16 8.44 0.60
C GLY A 85 -25.70 9.48 1.59
N GLU A 86 -26.12 9.32 2.84
CA GLU A 86 -25.84 10.29 3.90
C GLU A 86 -24.39 10.28 4.36
N ARG A 87 -23.73 9.13 4.21
CA ARG A 87 -22.39 8.91 4.75
C ARG A 87 -21.27 8.75 3.74
N LYS A 88 -21.60 8.33 2.51
CA LYS A 88 -20.64 8.16 1.44
C LYS A 88 -21.27 8.64 0.14
N CYS A 89 -20.53 9.47 -0.60
CA CYS A 89 -20.96 9.93 -1.90
C CYS A 89 -19.74 9.90 -2.81
N VAL A 90 -19.81 9.12 -3.89
CA VAL A 90 -18.72 9.00 -4.84
C VAL A 90 -19.09 9.83 -6.09
N LEU A 91 -18.22 10.78 -6.42
CA LEU A 91 -18.43 11.65 -7.58
C LEU A 91 -17.33 11.40 -8.61
N PHE A 92 -17.69 11.59 -9.88
CA PHE A 92 -16.70 11.71 -10.95
C PHE A 92 -16.67 13.18 -11.34
N ILE A 93 -15.49 13.80 -11.20
CA ILE A 93 -15.31 15.22 -11.49
C ILE A 93 -14.46 15.41 -12.73
N GLU A 94 -14.68 16.51 -13.44
CA GLU A 94 -13.84 16.90 -14.56
C GLU A 94 -12.81 17.90 -14.02
N TRP A 95 -11.53 17.60 -14.25
CA TRP A 95 -10.44 18.50 -13.84
C TRP A 95 -9.36 18.55 -14.94
N GLU A 96 -9.17 19.73 -15.53
CA GLU A 96 -8.29 19.92 -16.71
C GLU A 96 -8.54 18.87 -17.78
N LYS A 97 -9.80 18.74 -18.20
CA LYS A 97 -10.19 17.86 -19.31
C LYS A 97 -10.06 16.34 -19.07
N LYS A 98 -9.73 15.93 -17.84
CA LYS A 98 -9.68 14.52 -17.42
C LYS A 98 -10.70 14.26 -16.31
N THR A 99 -11.17 13.01 -16.22
CA THR A 99 -12.13 12.60 -15.20
C THR A 99 -11.44 11.91 -14.03
N TYR A 100 -11.74 12.35 -12.82
CA TYR A 100 -11.23 11.72 -11.59
C TYR A 100 -12.36 11.43 -10.62
N GLN A 101 -12.08 10.48 -9.73
CA GLN A 101 -13.00 10.10 -8.68
C GLN A 101 -12.77 10.91 -7.41
N LEU A 102 -13.83 11.51 -6.89
CA LEU A 102 -13.81 12.25 -5.63
C LEU A 102 -14.75 11.55 -4.66
N ASP A 103 -14.20 11.06 -3.55
CA ASP A 103 -14.99 10.37 -2.54
C ASP A 103 -15.25 11.30 -1.34
N LEU A 104 -16.52 11.50 -1.04
CA LEU A 104 -16.94 12.36 0.06
C LEU A 104 -17.54 11.54 1.17
N PHE A 105 -17.12 11.82 2.39
CA PHE A 105 -17.65 11.14 3.58
C PHE A 105 -18.07 12.17 4.61
N THR A 106 -19.03 11.81 5.45
CA THR A 106 -19.48 12.70 6.53
C THR A 106 -19.24 12.11 7.90
N ALA A 107 -18.80 12.97 8.82
CA ALA A 107 -18.70 12.67 10.24
C ALA A 107 -19.39 13.75 11.04
N LEU A 108 -20.05 13.35 12.11
CA LEU A 108 -20.50 14.30 13.13
C LEU A 108 -19.32 14.75 13.98
N ALA A 109 -19.45 15.91 14.62
CA ALA A 109 -18.38 16.50 15.42
C ALA A 109 -17.84 15.56 16.47
N GLU A 110 -18.74 14.86 17.16
CA GLU A 110 -18.32 13.88 18.20
C GLU A 110 -17.61 12.65 17.63
N GLU A 111 -17.79 12.38 16.33
CA GLU A 111 -17.14 11.26 15.62
C GLU A 111 -15.79 11.64 14.99
N LYS A 112 -15.47 12.94 14.94
CA LYS A 112 -14.38 13.44 14.10
C LYS A 112 -13.03 12.69 14.21
N PRO A 113 -12.48 12.56 15.43
CA PRO A 113 -11.19 11.85 15.49
C PRO A 113 -11.25 10.38 15.06
N TYR A 114 -12.39 9.75 15.33
CA TYR A 114 -12.61 8.35 14.94
C TYR A 114 -12.72 8.25 13.43
N ALA A 115 -13.40 9.21 12.84
CA ALA A 115 -13.54 9.30 11.39
C ALA A 115 -12.20 9.57 10.71
N ILE A 116 -11.44 10.53 11.22
CA ILE A 116 -10.11 10.85 10.66
C ILE A 116 -9.20 9.61 10.69
N PHE A 117 -9.17 8.92 11.82
CA PHE A 117 -8.36 7.72 12.00
C PHE A 117 -8.75 6.63 11.01
N HIS A 118 -10.05 6.37 10.90
CA HIS A 118 -10.58 5.37 9.95
C HIS A 118 -10.27 5.71 8.50
N PHE A 119 -10.68 6.92 8.06
CA PHE A 119 -10.51 7.30 6.64
C PHE A 119 -9.08 7.60 6.22
N THR A 120 -8.16 7.74 7.17
CA THR A 120 -6.74 7.86 6.84
C THR A 120 -6.15 6.51 6.42
N GLY A 121 -6.59 5.42 7.04
CA GLY A 121 -6.05 4.10 6.74
C GLY A 121 -4.56 4.05 7.04
N PRO A 122 -3.79 3.25 6.30
CA PRO A 122 -4.27 2.33 5.27
C PRO A 122 -5.05 1.16 5.86
N VAL A 123 -5.68 0.39 4.96
CA VAL A 123 -6.57 -0.70 5.37
C VAL A 123 -5.83 -1.73 6.23
N SER A 124 -4.66 -2.16 5.78
CA SER A 124 -3.84 -3.13 6.55
C SER A 124 -3.62 -2.71 8.02
N TYR A 125 -3.31 -1.44 8.21
CA TYR A 125 -3.09 -0.86 9.55
C TYR A 125 -4.34 -0.89 10.43
N LEU A 126 -5.48 -0.54 9.83
CA LEU A 126 -6.76 -0.60 10.53
C LEU A 126 -7.10 -2.02 10.96
N ILE A 127 -6.89 -2.98 10.06
CA ILE A 127 -7.18 -4.40 10.34
C ILE A 127 -6.40 -4.87 11.58
N ARG A 128 -5.13 -4.54 11.60
CA ARG A 128 -4.23 -4.92 12.70
C ARG A 128 -4.67 -4.29 14.03
N ILE A 129 -4.92 -2.99 14.00
CA ILE A 129 -5.37 -2.22 15.16
C ILE A 129 -6.69 -2.77 15.69
N ARG A 130 -7.61 -3.02 14.78
CA ARG A 130 -8.95 -3.46 15.15
C ARG A 130 -8.94 -4.89 15.69
N ALA A 131 -8.10 -5.74 15.10
CA ALA A 131 -7.92 -7.12 15.55
C ALA A 131 -7.43 -7.16 16.99
N ALA A 132 -6.43 -6.34 17.30
CA ALA A 132 -5.91 -6.24 18.66
C ALA A 132 -6.99 -5.78 19.65
N LEU A 133 -7.73 -4.72 19.29
CA LEU A 133 -8.78 -4.22 20.17
C LEU A 133 -9.90 -5.27 20.35
N LYS A 134 -10.19 -6.01 19.29
CA LYS A 134 -11.21 -7.07 19.33
C LYS A 134 -10.90 -8.17 20.36
N LYS A 135 -9.62 -8.54 20.49
CA LYS A 135 -9.20 -9.49 21.53
C LYS A 135 -9.59 -9.05 22.94
N LYS A 136 -9.61 -7.73 23.19
CA LYS A 136 -10.01 -7.16 24.48
C LYS A 136 -11.52 -6.83 24.58
N ASN A 137 -12.34 -7.41 23.70
CA ASN A 137 -13.79 -7.16 23.62
C ASN A 137 -14.19 -5.72 23.28
N TYR A 138 -13.35 -5.02 22.52
CA TYR A 138 -13.70 -3.70 22.00
C TYR A 138 -14.03 -3.81 20.52
N LYS A 139 -14.78 -2.82 20.01
CA LYS A 139 -15.01 -2.67 18.58
C LYS A 139 -14.73 -1.21 18.24
N LEU A 140 -13.79 -0.98 17.33
CA LEU A 140 -13.44 0.35 16.84
C LEU A 140 -13.95 0.53 15.42
N ASN A 141 -14.65 1.64 15.19
CA ASN A 141 -15.07 2.02 13.84
C ASN A 141 -14.93 3.52 13.64
N GLN A 142 -15.43 4.02 12.52
CA GLN A 142 -15.37 5.44 12.18
C GLN A 142 -16.23 6.37 13.06
N TYR A 143 -17.10 5.76 13.87
CA TYR A 143 -18.02 6.47 14.74
C TYR A 143 -17.60 6.54 16.21
N GLY A 144 -16.75 5.61 16.66
CA GLY A 144 -16.41 5.56 18.08
C GLY A 144 -15.74 4.26 18.48
N LEU A 145 -15.39 4.19 19.77
CA LEU A 145 -14.92 2.95 20.37
C LEU A 145 -16.08 2.38 21.17
N PHE A 146 -16.33 1.08 20.99
CA PHE A 146 -17.46 0.42 21.61
C PHE A 146 -17.03 -0.81 22.41
N LYS A 147 -17.81 -1.13 23.42
CA LYS A 147 -17.71 -2.39 24.15
C LYS A 147 -19.12 -2.83 24.54
N ASN A 148 -19.45 -4.08 24.22
CA ASN A 148 -20.80 -4.61 24.41
C ASN A 148 -21.85 -3.70 23.77
N GLN A 149 -21.56 -3.30 22.53
CA GLN A 149 -22.44 -2.48 21.69
C GLN A 149 -22.77 -1.10 22.29
N THR A 150 -21.90 -0.61 23.19
CA THR A 150 -22.12 0.62 23.96
C THR A 150 -20.90 1.52 23.78
N LEU A 151 -21.17 2.78 23.49
CA LEU A 151 -20.11 3.76 23.23
C LEU A 151 -19.24 3.95 24.47
N VAL A 152 -17.94 3.79 24.31
CA VAL A 152 -16.98 4.02 25.40
C VAL A 152 -16.61 5.50 25.35
N PRO A 153 -17.06 6.31 26.34
CA PRO A 153 -16.85 7.73 26.20
C PRO A 153 -15.41 8.06 26.56
N LEU A 154 -14.56 8.23 25.54
CA LEU A 154 -13.19 8.64 25.75
C LEU A 154 -13.14 10.16 25.86
N LYS A 155 -12.22 10.67 26.68
CA LYS A 155 -12.05 12.12 26.88
C LYS A 155 -10.96 12.59 25.95
N ILE A 156 -11.30 12.67 24.66
CA ILE A 156 -10.35 13.00 23.60
C ILE A 156 -10.99 13.91 22.56
N THR A 157 -10.14 14.67 21.89
CA THR A 157 -10.53 15.64 20.86
C THR A 157 -9.90 15.39 19.50
N THR A 158 -8.61 15.08 19.49
CA THR A 158 -7.84 14.91 18.28
C THR A 158 -7.56 13.45 17.99
N GLU A 159 -7.14 13.19 16.75
CA GLU A 159 -6.73 11.85 16.31
C GLU A 159 -5.53 11.32 17.12
N LYS A 160 -4.56 12.20 17.39
CA LYS A 160 -3.36 11.84 18.14
C LYS A 160 -3.71 11.35 19.56
N GLU A 161 -4.63 12.04 20.22
CA GLU A 161 -5.12 11.66 21.55
C GLU A 161 -5.86 10.33 21.54
N LEU A 162 -6.67 10.08 20.51
CA LEU A 162 -7.37 8.80 20.35
C LEU A 162 -6.36 7.66 20.22
N ILE A 163 -5.41 7.79 19.30
CA ILE A 163 -4.41 6.74 19.02
C ILE A 163 -3.66 6.36 20.30
N LYS A 164 -3.24 7.35 21.07
CA LYS A 164 -2.54 7.13 22.34
C LYS A 164 -3.46 6.54 23.42
N GLU A 165 -4.69 7.05 23.50
CA GLU A 165 -5.70 6.49 24.42
C GLU A 165 -6.07 5.03 24.13
N LEU A 166 -6.04 4.62 22.86
CA LEU A 166 -6.28 3.22 22.48
C LEU A 166 -5.12 2.27 22.80
N GLY A 167 -3.96 2.83 23.12
CA GLY A 167 -2.79 2.05 23.53
C GLY A 167 -1.81 1.76 22.41
N PHE A 168 -1.79 2.60 21.38
CA PHE A 168 -0.91 2.39 20.23
C PHE A 168 0.07 3.54 20.04
N THR A 169 1.13 3.27 19.29
CA THR A 169 2.14 4.28 18.99
C THR A 169 1.61 5.26 17.97
N TYR A 170 1.69 6.55 18.26
CA TYR A 170 1.35 7.55 17.28
C TYR A 170 2.39 7.53 16.14
N ARG A 171 1.88 7.51 14.91
CA ARG A 171 2.70 7.68 13.73
C ARG A 171 2.02 8.67 12.80
N ILE A 172 2.84 9.44 12.08
CA ILE A 172 2.32 10.35 11.08
C ILE A 172 1.69 9.52 9.95
N PRO A 173 0.63 10.05 9.28
CA PRO A 173 -0.12 9.25 8.30
C PRO A 173 0.72 8.53 7.26
N LYS A 174 1.75 9.19 6.75
CA LYS A 174 2.62 8.55 5.77
C LYS A 174 3.36 7.30 6.29
N LYS A 175 3.62 7.22 7.59
CA LYS A 175 4.32 6.08 8.19
C LYS A 175 3.41 5.02 8.87
N ARG A 176 2.11 4.99 8.54
CA ARG A 176 1.18 3.99 9.13
C ARG A 176 1.08 2.76 8.23
N LEU A 177 1.16 1.57 8.83
CA LEU A 177 1.15 0.33 8.07
C LEU A 177 0.71 -0.86 8.91
N GLY B 2 -29.81 5.33 -15.44
CA GLY B 2 -30.60 4.66 -16.54
C GLY B 2 -32.09 4.94 -16.44
N GLY B 3 -32.74 5.07 -17.59
CA GLY B 3 -34.16 5.41 -17.65
C GLY B 3 -35.09 4.25 -17.37
N MET B 4 -36.38 4.56 -17.20
CA MET B 4 -37.37 3.50 -17.02
C MET B 4 -37.79 2.90 -18.35
N LEU B 5 -38.21 1.64 -18.30
CA LEU B 5 -38.58 0.86 -19.48
C LEU B 5 -39.99 0.33 -19.30
N THR B 6 -40.67 0.07 -20.41
CA THR B 6 -41.90 -0.70 -20.40
C THR B 6 -41.55 -2.18 -20.40
N LEU B 7 -42.53 -3.02 -20.03
CA LEU B 7 -42.30 -4.49 -20.05
C LEU B 7 -41.92 -4.92 -21.48
N ILE B 8 -42.68 -4.47 -22.48
CA ILE B 8 -42.41 -4.92 -23.86
C ILE B 8 -41.00 -4.47 -24.33
N GLN B 9 -40.56 -3.27 -23.95
CA GLN B 9 -39.18 -2.82 -24.23
C GLN B 9 -38.16 -3.76 -23.57
N GLY B 10 -38.40 -4.08 -22.30
CA GLY B 10 -37.60 -5.05 -21.56
C GLY B 10 -37.49 -6.38 -22.27
N LYS B 11 -38.63 -6.94 -22.67
CA LYS B 11 -38.68 -8.21 -23.40
C LYS B 11 -37.90 -8.13 -24.73
N LYS B 12 -38.04 -7.01 -25.44
CA LYS B 12 -37.30 -6.80 -26.69
C LYS B 12 -35.78 -6.77 -26.46
N ILE B 13 -35.36 -6.07 -25.41
CA ILE B 13 -33.95 -6.02 -25.03
C ILE B 13 -33.40 -7.42 -24.72
N VAL B 14 -34.15 -8.20 -23.94
CA VAL B 14 -33.69 -9.53 -23.54
C VAL B 14 -33.57 -10.43 -24.77
N ASN B 15 -34.58 -10.38 -25.63
CA ASN B 15 -34.57 -11.15 -26.87
C ASN B 15 -33.34 -10.83 -27.71
N HIS B 16 -33.02 -9.55 -27.83
CA HIS B 16 -31.83 -9.08 -28.55
C HIS B 16 -30.56 -9.63 -27.90
N LEU B 17 -30.49 -9.58 -26.58
CA LEU B 17 -29.32 -10.05 -25.83
C LEU B 17 -29.07 -11.55 -25.88
N ARG B 18 -30.13 -12.36 -26.03
CA ARG B 18 -30.01 -13.83 -25.94
C ARG B 18 -29.00 -14.47 -26.87
N SER B 19 -28.78 -13.87 -28.05
CA SER B 19 -27.84 -14.40 -29.03
C SER B 19 -26.52 -13.61 -29.10
N ARG B 20 -26.39 -12.58 -28.26
CA ARG B 20 -25.27 -11.64 -28.38
C ARG B 20 -24.37 -11.55 -27.15
N LEU B 21 -24.62 -12.38 -26.13
CA LEU B 21 -23.81 -12.34 -24.92
C LEU B 21 -22.65 -13.29 -25.07
N ALA B 22 -21.48 -12.84 -24.62
CA ALA B 22 -20.28 -13.65 -24.63
C ALA B 22 -19.32 -13.14 -23.57
N PHE B 23 -18.24 -13.88 -23.34
CA PHE B 23 -17.17 -13.40 -22.47
C PHE B 23 -15.81 -13.79 -23.04
N GLU B 24 -14.81 -12.98 -22.71
CA GLU B 24 -13.45 -13.22 -23.16
C GLU B 24 -12.74 -14.05 -22.09
N TYR B 25 -12.24 -15.22 -22.51
CA TYR B 25 -11.54 -16.16 -21.62
C TYR B 25 -10.10 -16.36 -22.10
N ASN B 26 -9.17 -15.63 -21.47
CA ASN B 26 -7.75 -15.63 -21.85
C ASN B 26 -7.60 -15.41 -23.36
N GLY B 27 -8.25 -14.37 -23.88
CA GLY B 27 -8.18 -14.02 -25.31
C GLY B 27 -9.18 -14.69 -26.25
N GLN B 28 -9.92 -15.67 -25.74
CA GLN B 28 -10.88 -16.45 -26.53
C GLN B 28 -12.30 -15.98 -26.24
N LEU B 29 -13.02 -15.56 -27.28
CA LEU B 29 -14.41 -15.16 -27.14
C LEU B 29 -15.30 -16.39 -27.03
N ILE B 30 -15.94 -16.56 -25.88
CA ILE B 30 -16.81 -17.71 -25.61
C ILE B 30 -18.25 -17.24 -25.52
N LYS B 31 -19.07 -17.76 -26.42
CA LYS B 31 -20.49 -17.41 -26.47
C LYS B 31 -21.22 -17.98 -25.26
N ILE B 32 -22.11 -17.17 -24.70
CA ILE B 32 -23.01 -17.61 -23.65
C ILE B 32 -24.25 -18.10 -24.37
N LEU B 33 -24.75 -19.28 -23.99
CA LEU B 33 -25.88 -19.89 -24.65
C LEU B 33 -27.20 -19.37 -24.11
N SER B 34 -28.18 -19.23 -24.99
CA SER B 34 -29.52 -18.77 -24.61
C SER B 34 -30.14 -19.57 -23.46
N LYS B 35 -29.99 -20.89 -23.48
CA LYS B 35 -30.51 -21.76 -22.39
C LYS B 35 -29.89 -21.46 -21.01
N ASN B 36 -28.72 -20.82 -21.00
CA ASN B 36 -28.06 -20.36 -19.77
C ASN B 36 -28.33 -18.89 -19.41
N ILE B 37 -29.34 -18.29 -20.03
CA ILE B 37 -29.73 -16.92 -19.75
C ILE B 37 -31.19 -16.94 -19.29
N VAL B 38 -31.43 -16.52 -18.05
CA VAL B 38 -32.76 -16.51 -17.45
C VAL B 38 -33.14 -15.07 -17.09
N ALA B 39 -34.28 -14.60 -17.61
CA ALA B 39 -34.82 -13.31 -17.20
C ALA B 39 -35.33 -13.46 -15.77
N VAL B 40 -34.94 -12.53 -14.91
CA VAL B 40 -35.31 -12.55 -13.50
C VAL B 40 -35.81 -11.12 -13.14
N GLY B 41 -35.90 -10.81 -11.85
CA GLY B 41 -36.34 -9.49 -11.41
C GLY B 41 -37.77 -9.14 -11.81
N SER B 42 -38.06 -7.84 -11.85
CA SER B 42 -39.43 -7.36 -12.13
C SER B 42 -39.93 -7.75 -13.52
N LEU B 43 -39.00 -7.92 -14.47
CA LEU B 43 -39.33 -8.40 -15.81
C LEU B 43 -39.97 -9.78 -15.77
N ARG B 44 -39.38 -10.71 -15.01
CA ARG B 44 -39.97 -12.05 -14.85
C ARG B 44 -41.31 -11.98 -14.10
N ARG B 45 -41.42 -11.03 -13.17
CA ARG B 45 -42.68 -10.80 -12.45
C ARG B 45 -43.75 -10.07 -13.30
N GLU B 46 -43.40 -9.66 -14.51
CA GLU B 46 -44.33 -9.06 -15.48
C GLU B 46 -44.92 -7.74 -15.02
N GLU B 47 -44.09 -6.92 -14.37
CA GLU B 47 -44.51 -5.58 -13.98
C GLU B 47 -44.55 -4.72 -15.24
N LYS B 48 -45.44 -3.73 -15.27
CA LYS B 48 -45.70 -2.95 -16.52
C LYS B 48 -44.56 -1.97 -16.81
N MET B 49 -43.97 -1.36 -15.77
CA MET B 49 -42.74 -0.57 -15.92
C MET B 49 -41.59 -1.19 -15.15
N LEU B 50 -40.39 -1.05 -15.72
CA LEU B 50 -39.17 -1.65 -15.19
C LEU B 50 -38.14 -0.55 -14.91
N ASN B 51 -37.55 -0.59 -13.73
CA ASN B 51 -36.40 0.28 -13.45
C ASN B 51 -35.14 -0.18 -14.17
N ASP B 52 -35.09 -1.46 -14.54
CA ASP B 52 -33.95 -2.05 -15.24
C ASP B 52 -34.31 -3.44 -15.77
N VAL B 53 -33.35 -4.06 -16.46
CA VAL B 53 -33.47 -5.44 -16.91
C VAL B 53 -32.49 -6.31 -16.11
N ASP B 54 -32.99 -7.41 -15.56
CA ASP B 54 -32.18 -8.35 -14.77
C ASP B 54 -32.05 -9.68 -15.48
N LEU B 55 -30.81 -10.10 -15.69
CA LEU B 55 -30.50 -11.40 -16.28
C LEU B 55 -29.62 -12.23 -15.38
N LEU B 56 -29.99 -13.50 -15.23
CA LEU B 56 -29.17 -14.50 -14.54
C LEU B 56 -28.48 -15.37 -15.57
N ILE B 57 -27.16 -15.48 -15.45
CA ILE B 57 -26.33 -16.28 -16.34
C ILE B 57 -25.86 -17.53 -15.58
N ILE B 58 -26.17 -18.70 -16.12
CA ILE B 58 -25.81 -19.96 -15.51
C ILE B 58 -24.43 -20.33 -16.06
N VAL B 59 -23.46 -20.47 -15.16
CA VAL B 59 -22.07 -20.72 -15.52
C VAL B 59 -21.76 -22.19 -15.19
N PRO B 60 -21.28 -22.97 -16.19
CA PRO B 60 -21.15 -24.42 -16.02
C PRO B 60 -19.99 -24.91 -15.17
N GLU B 61 -18.97 -24.07 -14.95
CA GLU B 61 -17.79 -24.45 -14.14
C GLU B 61 -17.35 -23.31 -13.21
N LYS B 62 -16.95 -23.67 -11.99
CA LYS B 62 -16.58 -22.67 -10.97
C LYS B 62 -15.39 -21.82 -11.42
N LYS B 63 -14.46 -22.44 -12.14
CA LYS B 63 -13.25 -21.76 -12.61
C LYS B 63 -13.56 -20.61 -13.56
N LEU B 64 -14.70 -20.68 -14.25
CA LEU B 64 -15.13 -19.62 -15.16
C LEU B 64 -15.65 -18.35 -14.50
N LEU B 65 -16.11 -18.42 -13.25
CA LEU B 65 -16.67 -17.24 -12.57
C LEU B 65 -15.76 -16.02 -12.58
N LYS B 66 -14.46 -16.21 -12.44
CA LYS B 66 -13.54 -15.08 -12.51
C LYS B 66 -13.48 -14.40 -13.89
N HIS B 67 -13.93 -15.11 -14.92
CA HIS B 67 -13.83 -14.63 -16.31
C HIS B 67 -15.14 -14.05 -16.89
N VAL B 68 -16.30 -14.58 -16.50
CA VAL B 68 -17.54 -14.32 -17.23
C VAL B 68 -17.99 -12.85 -17.18
N LEU B 69 -18.41 -12.37 -16.00
CA LEU B 69 -18.87 -10.98 -15.90
C LEU B 69 -17.74 -9.95 -16.03
N PRO B 70 -16.57 -10.21 -15.41
CA PRO B 70 -15.46 -9.26 -15.58
C PRO B 70 -14.95 -9.08 -17.03
N ASN B 71 -15.22 -10.03 -17.92
CA ASN B 71 -14.89 -9.87 -19.34
C ASN B 71 -16.12 -10.01 -20.23
N ILE B 72 -17.27 -9.54 -19.76
CA ILE B 72 -18.52 -9.65 -20.53
C ILE B 72 -18.41 -8.87 -21.85
N ARG B 73 -19.03 -9.41 -22.89
CA ARG B 73 -19.08 -8.78 -24.21
C ARG B 73 -20.51 -8.86 -24.73
N ILE B 74 -20.96 -7.78 -25.36
CA ILE B 74 -22.27 -7.75 -25.98
C ILE B 74 -22.07 -7.31 -27.41
N LYS B 75 -22.34 -8.19 -28.36
CA LYS B 75 -22.13 -7.90 -29.77
C LYS B 75 -23.02 -6.74 -30.23
N GLY B 76 -22.39 -5.71 -30.81
CA GLY B 76 -23.10 -4.62 -31.48
C GLY B 76 -23.80 -3.61 -30.61
N LEU B 77 -23.71 -3.74 -29.28
CA LEU B 77 -24.44 -2.87 -28.36
C LEU B 77 -23.46 -2.02 -27.58
N SER B 78 -23.71 -0.72 -27.53
CA SER B 78 -22.90 0.20 -26.77
C SER B 78 -23.26 0.14 -25.27
N PHE B 79 -22.26 -0.09 -24.43
CA PHE B 79 -22.48 -0.12 -22.99
C PHE B 79 -21.26 0.34 -22.21
N SER B 80 -21.49 0.69 -20.95
CA SER B 80 -20.42 0.97 -19.99
C SER B 80 -20.71 0.26 -18.67
N VAL B 81 -19.66 0.06 -17.89
CA VAL B 81 -19.71 -0.75 -16.68
C VAL B 81 -19.72 0.16 -15.44
N LYS B 82 -20.76 0.04 -14.61
CA LYS B 82 -20.87 0.82 -13.37
C LYS B 82 -20.16 0.15 -12.20
N VAL B 83 -20.54 -1.07 -11.88
CA VAL B 83 -19.82 -1.91 -10.91
C VAL B 83 -19.81 -3.31 -11.49
N CYS B 84 -18.74 -4.07 -11.22
CA CYS B 84 -18.62 -5.43 -11.77
C CYS B 84 -17.70 -6.30 -10.93
N GLY B 85 -18.19 -7.48 -10.59
CA GLY B 85 -17.36 -8.53 -10.02
C GLY B 85 -17.80 -9.85 -10.62
N GLU B 86 -17.48 -10.93 -9.93
CA GLU B 86 -17.77 -12.28 -10.42
C GLU B 86 -19.25 -12.64 -10.38
N ARG B 87 -19.98 -12.01 -9.46
CA ARG B 87 -21.38 -12.37 -9.17
C ARG B 87 -22.43 -11.34 -9.54
N LYS B 88 -22.04 -10.06 -9.63
CA LYS B 88 -22.94 -8.97 -10.00
C LYS B 88 -22.18 -8.00 -10.90
N CYS B 89 -22.80 -7.65 -12.02
CA CYS B 89 -22.25 -6.66 -12.93
C CYS B 89 -23.39 -5.78 -13.42
N VAL B 90 -23.29 -4.48 -13.14
CA VAL B 90 -24.31 -3.51 -13.53
C VAL B 90 -23.79 -2.72 -14.73
N LEU B 91 -24.54 -2.77 -15.84
CA LEU B 91 -24.18 -2.08 -17.07
C LEU B 91 -25.20 -1.02 -17.39
N PHE B 92 -24.73 0.05 -18.04
CA PHE B 92 -25.62 1.01 -18.69
C PHE B 92 -25.49 0.78 -20.18
N ILE B 93 -26.60 0.43 -20.82
CA ILE B 93 -26.63 0.12 -22.26
C ILE B 93 -27.35 1.22 -23.03
N GLU B 94 -26.97 1.39 -24.29
CA GLU B 94 -27.67 2.28 -25.23
C GLU B 94 -28.65 1.43 -26.02
N TRP B 95 -29.93 1.79 -25.99
CA TRP B 95 -30.97 1.09 -26.76
C TRP B 95 -31.94 2.10 -27.37
N GLU B 96 -32.04 2.07 -28.71
CA GLU B 96 -32.61 3.18 -29.49
C GLU B 96 -31.89 4.48 -28.97
N LYS B 97 -32.61 5.57 -28.73
CA LYS B 97 -31.93 6.83 -28.39
C LYS B 97 -31.50 6.93 -26.92
N LYS B 98 -31.74 5.89 -26.12
CA LYS B 98 -31.83 6.02 -24.66
C LYS B 98 -30.90 5.07 -23.87
N THR B 99 -30.54 5.48 -22.66
CA THR B 99 -29.71 4.68 -21.76
C THR B 99 -30.55 3.92 -20.74
N TYR B 100 -30.32 2.61 -20.62
CA TYR B 100 -30.99 1.78 -19.62
C TYR B 100 -29.98 0.95 -18.82
N GLN B 101 -30.41 0.55 -17.63
CA GLN B 101 -29.60 -0.25 -16.73
C GLN B 101 -29.88 -1.73 -16.97
N LEU B 102 -28.80 -2.50 -17.17
CA LEU B 102 -28.85 -3.95 -17.34
C LEU B 102 -28.05 -4.57 -16.20
N ASP B 103 -28.72 -5.36 -15.36
CA ASP B 103 -28.08 -6.03 -14.24
C ASP B 103 -27.84 -7.50 -14.57
N LEU B 104 -26.58 -7.92 -14.48
CA LEU B 104 -26.18 -9.30 -14.77
C LEU B 104 -25.74 -9.98 -13.50
N PHE B 105 -26.21 -11.20 -13.31
CA PHE B 105 -25.82 -12.03 -12.17
C PHE B 105 -25.40 -13.42 -12.64
N THR B 106 -24.54 -14.09 -11.87
CA THR B 106 -24.10 -15.44 -12.20
C THR B 106 -24.48 -16.45 -11.13
N ALA B 107 -24.91 -17.62 -11.58
CA ALA B 107 -25.13 -18.78 -10.73
C ALA B 107 -24.44 -19.99 -11.32
N LEU B 108 -23.88 -20.82 -10.46
CA LEU B 108 -23.42 -22.16 -10.85
C LEU B 108 -24.63 -23.08 -10.99
N ALA B 109 -24.45 -24.15 -11.75
CA ALA B 109 -25.54 -25.07 -12.08
C ALA B 109 -26.24 -25.61 -10.83
N GLU B 110 -25.45 -26.00 -9.82
CA GLU B 110 -25.99 -26.51 -8.56
C GLU B 110 -26.74 -25.44 -7.73
N GLU B 111 -26.49 -24.17 -8.00
CA GLU B 111 -27.18 -23.05 -7.36
C GLU B 111 -28.46 -22.60 -8.08
N LYS B 112 -28.68 -23.08 -9.31
CA LYS B 112 -29.67 -22.47 -10.25
C LYS B 112 -31.06 -22.20 -9.65
N PRO B 113 -31.71 -23.21 -9.06
CA PRO B 113 -33.06 -22.95 -8.52
C PRO B 113 -33.07 -21.95 -7.37
N TYR B 114 -32.01 -21.97 -6.56
CA TYR B 114 -31.86 -21.04 -5.44
C TYR B 114 -31.65 -19.64 -5.99
N ALA B 115 -30.85 -19.53 -7.05
CA ALA B 115 -30.60 -18.25 -7.72
C ALA B 115 -31.86 -17.69 -8.37
N ILE B 116 -32.57 -18.53 -9.11
CA ILE B 116 -33.82 -18.09 -9.77
C ILE B 116 -34.81 -17.55 -8.73
N PHE B 117 -34.97 -18.29 -7.64
CA PHE B 117 -35.90 -17.91 -6.56
C PHE B 117 -35.53 -16.57 -5.94
N HIS B 118 -34.25 -16.42 -5.61
CA HIS B 118 -33.73 -15.17 -5.07
C HIS B 118 -33.90 -13.98 -6.03
N PHE B 119 -33.37 -14.11 -7.25
CA PHE B 119 -33.39 -12.98 -8.20
C PHE B 119 -34.76 -12.66 -8.80
N THR B 120 -35.73 -13.55 -8.65
CA THR B 120 -37.11 -13.24 -9.02
C THR B 120 -37.77 -12.26 -8.06
N GLY B 121 -37.46 -12.38 -6.77
CA GLY B 121 -38.08 -11.53 -5.76
C GLY B 121 -39.60 -11.73 -5.76
N PRO B 122 -40.38 -10.69 -5.43
CA PRO B 122 -39.89 -9.38 -4.97
C PRO B 122 -39.24 -9.44 -3.59
N VAL B 123 -38.61 -8.33 -3.21
CA VAL B 123 -37.83 -8.27 -1.96
C VAL B 123 -38.71 -8.59 -0.74
N SER B 124 -39.88 -7.96 -0.66
CA SER B 124 -40.84 -8.20 0.44
C SER B 124 -41.14 -9.70 0.66
N TYR B 125 -41.37 -10.40 -0.44
CA TYR B 125 -41.67 -11.84 -0.42
C TYR B 125 -40.48 -12.66 0.10
N LEU B 126 -39.27 -12.32 -0.34
CA LEU B 126 -38.06 -13.00 0.13
C LEU B 126 -37.86 -12.80 1.63
N ILE B 127 -38.07 -11.56 2.09
CA ILE B 127 -37.92 -11.22 3.51
C ILE B 127 -38.83 -12.10 4.37
N ARG B 128 -40.09 -12.19 3.95
CA ARG B 128 -41.11 -12.99 4.65
C ARG B 128 -40.73 -14.48 4.69
N ILE B 129 -40.38 -15.02 3.52
CA ILE B 129 -39.96 -16.43 3.37
C ILE B 129 -38.73 -16.73 4.23
N ARG B 130 -37.75 -15.84 4.16
CA ARG B 130 -36.50 -16.03 4.87
C ARG B 130 -36.68 -15.91 6.40
N ALA B 131 -37.54 -14.98 6.82
CA ALA B 131 -37.87 -14.79 8.24
C ALA B 131 -38.49 -16.06 8.82
N ALA B 132 -39.44 -16.64 8.08
CA ALA B 132 -40.08 -17.88 8.50
C ALA B 132 -39.06 -19.03 8.62
N LEU B 133 -38.21 -19.19 7.63
CA LEU B 133 -37.18 -20.23 7.67
C LEU B 133 -36.20 -20.00 8.81
N LYS B 134 -35.88 -18.73 9.07
CA LYS B 134 -34.98 -18.36 10.17
C LYS B 134 -35.50 -18.81 11.55
N LYS B 135 -36.80 -18.71 11.78
CA LYS B 135 -37.41 -19.24 13.01
C LYS B 135 -37.12 -20.72 13.25
N LYS B 136 -37.01 -21.50 12.17
CA LYS B 136 -36.66 -22.93 12.24
C LYS B 136 -35.15 -23.22 12.16
N ASN B 137 -34.32 -22.21 12.42
CA ASN B 137 -32.86 -22.32 12.36
C ASN B 137 -32.28 -22.63 10.97
N TYR B 138 -32.96 -22.20 9.91
CA TYR B 138 -32.43 -22.28 8.55
C TYR B 138 -31.97 -20.91 8.05
N LYS B 139 -31.09 -20.92 7.05
CA LYS B 139 -30.72 -19.71 6.32
C LYS B 139 -30.84 -20.03 4.83
N LEU B 140 -31.68 -19.26 4.14
CA LEU B 140 -31.86 -19.38 2.68
C LEU B 140 -31.20 -18.20 1.97
N ASN B 141 -30.40 -18.49 0.95
CA ASN B 141 -29.85 -17.46 0.09
C ASN B 141 -29.86 -17.91 -1.38
N GLN B 142 -29.23 -17.13 -2.26
CA GLN B 142 -29.15 -17.44 -3.69
C GLN B 142 -28.28 -18.67 -4.05
N TYR B 143 -27.53 -19.19 -3.07
CA TYR B 143 -26.61 -20.31 -3.26
C TYR B 143 -27.13 -21.65 -2.74
N GLY B 144 -28.07 -21.63 -1.79
CA GLY B 144 -28.52 -22.86 -1.15
C GLY B 144 -29.32 -22.63 0.13
N LEU B 145 -29.79 -23.74 0.71
CA LEU B 145 -30.42 -23.72 2.02
C LEU B 145 -29.41 -24.23 3.02
N PHE B 146 -29.26 -23.52 4.14
CA PHE B 146 -28.26 -23.84 5.15
C PHE B 146 -28.88 -24.00 6.55
N LYS B 147 -28.22 -24.82 7.37
CA LYS B 147 -28.53 -24.94 8.80
C LYS B 147 -27.22 -25.15 9.55
N ASN B 148 -27.00 -24.35 10.58
CA ASN B 148 -25.73 -24.32 11.31
C ASN B 148 -24.54 -24.18 10.37
N GLN B 149 -24.66 -23.23 9.45
CA GLN B 149 -23.61 -22.89 8.47
C GLN B 149 -23.20 -24.06 7.56
N THR B 150 -24.11 -25.04 7.38
CA THR B 150 -23.84 -26.25 6.61
C THR B 150 -24.94 -26.44 5.56
N LEU B 151 -24.53 -26.72 4.32
CA LEU B 151 -25.47 -26.84 3.20
C LEU B 151 -26.42 -28.01 3.45
N VAL B 152 -27.72 -27.76 3.34
CA VAL B 152 -28.74 -28.79 3.45
C VAL B 152 -28.96 -29.36 2.04
N PRO B 153 -28.51 -30.60 1.78
CA PRO B 153 -28.60 -31.08 0.41
C PRO B 153 -30.03 -31.49 0.10
N LEU B 154 -30.77 -30.61 -0.59
CA LEU B 154 -32.13 -30.93 -1.04
C LEU B 154 -32.05 -31.68 -2.37
N LYS B 155 -32.98 -32.62 -2.58
CA LYS B 155 -33.03 -33.41 -3.83
C LYS B 155 -34.02 -32.73 -4.76
N ILE B 156 -33.58 -31.60 -5.33
CA ILE B 156 -34.40 -30.75 -6.18
C ILE B 156 -33.62 -30.25 -7.39
N THR B 157 -34.34 -29.94 -8.46
CA THR B 157 -33.76 -29.44 -9.71
C THR B 157 -34.32 -28.08 -10.13
N THR B 158 -35.63 -27.89 -10.01
CA THR B 158 -36.29 -26.66 -10.45
C THR B 158 -36.71 -25.76 -9.29
N GLU B 159 -37.04 -24.52 -9.62
CA GLU B 159 -37.53 -23.53 -8.66
C GLU B 159 -38.82 -23.97 -7.96
N LYS B 160 -39.73 -24.57 -8.73
CA LYS B 160 -41.01 -25.05 -8.22
C LYS B 160 -40.82 -26.13 -7.15
N GLU B 161 -39.89 -27.05 -7.40
CA GLU B 161 -39.54 -28.12 -6.44
C GLU B 161 -38.92 -27.57 -5.15
N LEU B 162 -38.05 -26.56 -5.29
CA LEU B 162 -37.46 -25.90 -4.13
C LEU B 162 -38.54 -25.25 -3.25
N ILE B 163 -39.39 -24.44 -3.87
CA ILE B 163 -40.44 -23.70 -3.15
C ILE B 163 -41.33 -24.67 -2.35
N LYS B 164 -41.73 -25.77 -2.97
CA LYS B 164 -42.56 -26.79 -2.31
C LYS B 164 -41.77 -27.56 -1.23
N GLU B 165 -40.52 -27.90 -1.51
CA GLU B 165 -39.65 -28.53 -0.52
C GLU B 165 -39.39 -27.66 0.73
N LEU B 166 -39.34 -26.34 0.55
CA LEU B 166 -39.17 -25.40 1.67
C LEU B 166 -40.44 -25.24 2.53
N GLY B 167 -41.57 -25.74 2.03
CA GLY B 167 -42.83 -25.73 2.78
C GLY B 167 -43.73 -24.56 2.47
N PHE B 168 -43.60 -23.98 1.28
CA PHE B 168 -44.40 -22.82 0.89
C PHE B 168 -45.25 -23.12 -0.32
N THR B 169 -46.28 -22.30 -0.51
CA THR B 169 -47.17 -22.42 -1.66
C THR B 169 -46.47 -21.92 -2.90
N TYR B 170 -46.47 -22.73 -3.95
CA TYR B 170 -45.97 -22.27 -5.22
C TYR B 170 -46.91 -21.20 -5.78
N ARG B 171 -46.31 -20.09 -6.22
CA ARG B 171 -47.02 -19.07 -6.97
C ARG B 171 -46.20 -18.67 -8.17
N ILE B 172 -46.89 -18.33 -9.26
CA ILE B 172 -46.23 -17.81 -10.45
C ILE B 172 -45.59 -16.45 -10.11
N PRO B 173 -44.44 -16.12 -10.74
CA PRO B 173 -43.68 -14.92 -10.37
C PRO B 173 -44.51 -13.64 -10.23
N LYS B 174 -45.44 -13.42 -11.16
CA LYS B 174 -46.30 -12.24 -11.10
C LYS B 174 -47.17 -12.15 -9.83
N LYS B 175 -47.51 -13.29 -9.23
CA LYS B 175 -48.34 -13.32 -8.02
C LYS B 175 -47.58 -13.49 -6.69
N ARG B 176 -46.28 -13.24 -6.66
CA ARG B 176 -45.48 -13.36 -5.43
C ARG B 176 -45.42 -12.03 -4.69
N LEU B 177 -45.66 -12.05 -3.38
CA LEU B 177 -45.67 -10.82 -2.58
C LEU B 177 -45.40 -11.09 -1.12
N GLY C 1 29.65 6.47 -7.76
CA GLY C 1 30.07 6.90 -6.39
C GLY C 1 30.99 8.12 -6.41
N GLY C 2 31.67 8.34 -5.27
CA GLY C 2 32.59 9.47 -5.09
C GLY C 2 34.06 9.08 -5.08
N GLY C 3 34.91 9.98 -5.57
CA GLY C 3 36.35 9.72 -5.71
C GLY C 3 37.13 9.84 -4.41
N MET C 4 38.39 9.40 -4.43
CA MET C 4 39.27 9.56 -3.27
C MET C 4 39.85 10.97 -3.22
N LEU C 5 40.16 11.40 -2.00
CA LEU C 5 40.66 12.75 -1.71
C LEU C 5 41.96 12.64 -0.96
N THR C 6 42.80 13.65 -1.07
CA THR C 6 43.93 13.78 -0.15
C THR C 6 43.47 14.48 1.13
N LEU C 7 44.31 14.38 2.17
CA LEU C 7 44.07 15.03 3.45
C LEU C 7 43.88 16.53 3.29
N ILE C 8 44.74 17.17 2.51
CA ILE C 8 44.66 18.63 2.31
C ILE C 8 43.39 19.05 1.52
N GLN C 9 42.98 18.27 0.52
CA GLN C 9 41.71 18.49 -0.21
C GLN C 9 40.53 18.41 0.76
N GLY C 10 40.54 17.38 1.60
CA GLY C 10 39.54 17.21 2.67
C GLY C 10 39.45 18.42 3.58
N LYS C 11 40.60 18.87 4.09
CA LYS C 11 40.67 20.06 4.94
C LYS C 11 40.13 21.31 4.23
N LYS C 12 40.46 21.46 2.96
CA LYS C 12 39.96 22.60 2.15
C LYS C 12 38.44 22.56 2.00
N ILE C 13 37.90 21.37 1.73
CA ILE C 13 36.45 21.18 1.63
C ILE C 13 35.75 21.54 2.95
N VAL C 14 36.30 21.08 4.07
CA VAL C 14 35.69 21.34 5.37
C VAL C 14 35.69 22.84 5.66
N ASN C 15 36.84 23.46 5.44
CA ASN C 15 36.97 24.90 5.62
C ASN C 15 35.92 25.69 4.82
N HIS C 16 35.73 25.30 3.56
CA HIS C 16 34.72 25.89 2.69
C HIS C 16 33.31 25.69 3.28
N LEU C 17 33.03 24.48 3.74
CA LEU C 17 31.72 24.15 4.30
C LEU C 17 31.35 24.85 5.61
N ARG C 18 32.36 25.19 6.43
CA ARG C 18 32.12 25.74 7.78
C ARG C 18 31.23 26.97 7.84
N SER C 19 31.26 27.80 6.79
CA SER C 19 30.45 29.03 6.75
C SER C 19 29.24 28.92 5.84
N ARG C 20 29.04 27.76 5.21
CA ARG C 20 28.04 27.61 4.17
C ARG C 20 26.95 26.58 4.46
N LEU C 21 26.96 25.98 5.65
CA LEU C 21 25.94 24.98 5.98
C LEU C 21 24.76 25.64 6.65
N ALA C 22 23.57 25.20 6.27
CA ALA C 22 22.32 25.69 6.83
C ALA C 22 21.24 24.63 6.67
N PHE C 23 20.09 24.86 7.29
CA PHE C 23 18.90 24.02 7.06
C PHE C 23 17.63 24.85 7.02
N GLU C 24 16.65 24.35 6.29
CA GLU C 24 15.37 25.04 6.15
C GLU C 24 14.42 24.49 7.21
N TYR C 25 13.92 25.40 8.04
CA TYR C 25 13.02 25.05 9.16
C TYR C 25 11.66 25.74 8.96
N ASN C 26 10.70 24.98 8.43
CA ASN C 26 9.37 25.50 8.08
C ASN C 26 9.47 26.82 7.29
N GLY C 27 10.26 26.80 6.22
CA GLY C 27 10.45 27.97 5.37
C GLY C 27 11.52 29.00 5.78
N GLN C 28 12.11 28.85 6.97
CA GLN C 28 13.15 29.75 7.48
C GLN C 28 14.55 29.10 7.34
N LEU C 29 15.46 29.78 6.62
CA LEU C 29 16.83 29.31 6.47
C LEU C 29 17.60 29.60 7.76
N ILE C 30 18.05 28.54 8.43
CA ILE C 30 18.78 28.66 9.70
C ILE C 30 20.22 28.21 9.48
N LYS C 31 21.14 29.14 9.67
CA LYS C 31 22.55 28.86 9.52
C LYS C 31 23.03 27.93 10.61
N ILE C 32 23.87 26.98 10.24
CA ILE C 32 24.55 26.12 11.18
C ILE C 32 25.86 26.82 11.50
N LEU C 33 26.18 26.91 12.79
CA LEU C 33 27.37 27.62 13.24
C LEU C 33 28.62 26.75 13.16
N SER C 34 29.75 27.37 12.81
CA SER C 34 31.02 26.68 12.72
C SER C 34 31.38 25.90 13.99
N LYS C 35 31.14 26.49 15.17
CA LYS C 35 31.40 25.79 16.46
C LYS C 35 30.58 24.50 16.65
N ASN C 36 29.48 24.36 15.90
CA ASN C 36 28.66 23.14 15.89
C ASN C 36 28.97 22.18 14.75
N ILE C 37 30.14 22.36 14.10
CA ILE C 37 30.57 21.50 13.01
C ILE C 37 31.93 20.92 13.41
N VAL C 38 31.99 19.60 13.56
CA VAL C 38 33.20 18.89 13.95
C VAL C 38 33.62 17.93 12.85
N ALA C 39 34.86 18.06 12.38
CA ALA C 39 35.44 17.08 11.46
C ALA C 39 35.70 15.78 12.23
N VAL C 40 35.23 14.67 11.68
CA VAL C 40 35.37 13.36 12.32
C VAL C 40 35.91 12.39 11.27
N GLY C 41 35.80 11.08 11.50
CA GLY C 41 36.27 10.08 10.55
C GLY C 41 37.77 10.12 10.29
N SER C 42 38.17 9.58 9.13
CA SER C 42 39.60 9.47 8.80
C SER C 42 40.29 10.83 8.68
N LEU C 43 39.51 11.86 8.32
CA LEU C 43 40.02 13.24 8.26
C LEU C 43 40.53 13.69 9.61
N ARG C 44 39.76 13.47 10.67
CA ARG C 44 40.21 13.80 12.03
C ARG C 44 41.40 12.93 12.46
N ARG C 45 41.42 11.67 12.01
CA ARG C 45 42.57 10.78 12.26
C ARG C 45 43.81 11.12 11.40
N GLU C 46 43.71 12.11 10.50
CA GLU C 46 44.83 12.63 9.71
C GLU C 46 45.44 11.59 8.79
N GLU C 47 44.59 10.77 8.19
CA GLU C 47 45.05 9.81 7.19
C GLU C 47 45.34 10.58 5.92
N LYS C 48 46.28 10.07 5.13
CA LYS C 48 46.81 10.81 3.99
C LYS C 48 45.83 10.83 2.82
N MET C 49 45.14 9.71 2.58
CA MET C 49 44.02 9.65 1.62
C MET C 49 42.71 9.36 2.33
N LEU C 50 41.64 9.95 1.80
CA LEU C 50 40.31 9.86 2.38
C LEU C 50 39.35 9.27 1.36
N ASN C 51 38.56 8.29 1.77
CA ASN C 51 37.45 7.81 0.95
C ASN C 51 36.28 8.80 0.90
N ASP C 52 36.20 9.69 1.89
CA ASP C 52 35.15 10.71 1.95
C ASP C 52 35.47 11.73 3.04
N VAL C 53 34.60 12.73 3.19
CA VAL C 53 34.68 13.70 4.29
C VAL C 53 33.50 13.46 5.24
N ASP C 54 33.81 13.36 6.53
CA ASP C 54 32.82 13.13 7.58
C ASP C 54 32.70 14.35 8.47
N LEU C 55 31.49 14.88 8.59
CA LEU C 55 31.18 16.00 9.49
C LEU C 55 30.09 15.64 10.47
N LEU C 56 30.32 16.01 11.72
CA LEU C 56 29.34 15.87 12.79
C LEU C 56 28.75 17.24 13.07
N ILE C 57 27.42 17.32 13.03
CA ILE C 57 26.70 18.57 13.31
C ILE C 57 26.03 18.45 14.67
N ILE C 58 26.33 19.39 15.56
CA ILE C 58 25.77 19.40 16.90
C ILE C 58 24.48 20.21 16.83
N VAL C 59 23.37 19.58 17.19
CA VAL C 59 22.03 20.16 17.09
C VAL C 59 21.54 20.50 18.51
N PRO C 60 21.17 21.78 18.77
CA PRO C 60 20.91 22.24 20.14
C PRO C 60 19.61 21.78 20.77
N GLU C 61 18.64 21.33 19.96
CA GLU C 61 17.35 20.83 20.46
C GLU C 61 16.86 19.61 19.74
N LYS C 62 16.21 18.72 20.49
CA LYS C 62 15.71 17.44 19.96
C LYS C 62 14.70 17.63 18.83
N LYS C 63 13.85 18.66 18.99
CA LYS C 63 12.79 18.96 18.01
C LYS C 63 13.33 19.32 16.62
N LEU C 64 14.57 19.84 16.57
CA LEU C 64 15.22 20.18 15.30
C LEU C 64 15.72 19.00 14.46
N LEU C 65 15.96 17.85 15.08
CA LEU C 65 16.49 16.68 14.36
C LEU C 65 15.70 16.30 13.13
N LYS C 66 14.38 16.40 13.19
CA LYS C 66 13.57 16.11 12.00
C LYS C 66 13.80 17.09 10.84
N HIS C 67 14.34 18.27 11.14
CA HIS C 67 14.52 19.34 10.16
C HIS C 67 15.94 19.49 9.59
N VAL C 68 16.97 19.21 10.38
CA VAL C 68 18.34 19.61 10.00
C VAL C 68 18.87 18.90 8.74
N LEU C 69 19.14 17.61 8.81
CA LEU C 69 19.68 16.88 7.64
C LEU C 69 18.66 16.74 6.51
N PRO C 70 17.38 16.44 6.83
CA PRO C 70 16.40 16.32 5.75
C PRO C 70 16.14 17.61 4.97
N ASN C 71 16.49 18.77 5.52
CA ASN C 71 16.42 20.03 4.78
C ASN C 71 17.77 20.74 4.73
N ILE C 72 18.86 19.97 4.63
CA ILE C 72 20.20 20.56 4.59
C ILE C 72 20.35 21.45 3.34
N ARG C 73 21.11 22.53 3.48
CA ARG C 73 21.45 23.46 2.41
C ARG C 73 22.93 23.76 2.48
N ILE C 74 23.56 23.83 1.31
CA ILE C 74 24.97 24.20 1.20
C ILE C 74 25.04 25.33 0.18
N LYS C 75 25.39 26.53 0.64
CA LYS C 75 25.46 27.70 -0.23
C LYS C 75 26.50 27.50 -1.34
N GLY C 76 26.05 27.68 -2.59
CA GLY C 76 26.93 27.73 -3.75
C GLY C 76 27.56 26.44 -4.23
N LEU C 77 27.25 25.30 -3.59
CA LEU C 77 27.90 24.03 -3.90
C LEU C 77 26.88 23.08 -4.49
N SER C 78 27.24 22.45 -5.61
CA SER C 78 26.40 21.44 -6.24
C SER C 78 26.49 20.12 -5.50
N PHE C 79 25.33 19.58 -5.13
CA PHE C 79 25.32 18.27 -4.50
C PHE C 79 24.03 17.54 -4.80
N SER C 80 24.08 16.22 -4.61
CA SER C 80 22.89 15.38 -4.62
C SER C 80 22.88 14.46 -3.40
N VAL C 81 21.68 13.99 -3.04
CA VAL C 81 21.46 13.22 -1.82
C VAL C 81 21.33 11.73 -2.15
N LYS C 82 22.22 10.91 -1.60
CA LYS C 82 22.18 9.46 -1.79
C LYS C 82 21.20 8.79 -0.82
N VAL C 83 21.43 8.97 0.47
CA VAL C 83 20.50 8.52 1.51
C VAL C 83 20.47 9.62 2.55
N CYS C 84 19.33 9.81 3.19
CA CYS C 84 19.18 10.89 4.20
C CYS C 84 18.07 10.60 5.19
N GLY C 85 18.40 10.72 6.46
CA GLY C 85 17.42 10.74 7.54
C GLY C 85 17.85 11.77 8.54
N GLU C 86 17.35 11.63 9.76
CA GLU C 86 17.61 12.60 10.83
C GLU C 86 19.04 12.52 11.38
N ARG C 87 19.65 11.35 11.28
CA ARG C 87 20.95 11.07 11.90
C ARG C 87 22.14 10.87 10.96
N LYS C 88 21.85 10.45 9.72
CA LYS C 88 22.88 10.24 8.71
C LYS C 88 22.35 10.74 7.37
N CYS C 89 23.16 11.53 6.69
CA CYS C 89 22.85 12.02 5.35
C CYS C 89 24.13 11.95 4.51
N VAL C 90 24.09 11.16 3.44
CA VAL C 90 25.25 10.98 2.56
C VAL C 90 25.01 11.78 1.28
N LEU C 91 25.93 12.71 1.01
CA LEU C 91 25.83 13.58 -0.14
C LEU C 91 26.97 13.29 -1.10
N PHE C 92 26.71 13.47 -2.40
CA PHE C 92 27.77 13.54 -3.40
C PHE C 92 27.88 15.00 -3.81
N ILE C 93 29.05 15.59 -3.59
CA ILE C 93 29.28 17.00 -3.87
C ILE C 93 30.22 17.15 -5.07
N GLU C 94 30.07 18.26 -5.80
CA GLU C 94 31.00 18.64 -6.87
C GLU C 94 32.02 19.62 -6.28
N TRP C 95 33.30 19.28 -6.42
CA TRP C 95 34.41 20.12 -5.94
C TRP C 95 35.57 20.11 -6.95
N GLU C 96 35.90 21.28 -7.49
CA GLU C 96 36.86 21.42 -8.59
C GLU C 96 36.56 20.41 -9.72
N LYS C 97 35.31 20.41 -10.19
CA LYS C 97 34.87 19.60 -11.34
C LYS C 97 34.89 18.06 -11.15
N LYS C 98 35.18 17.58 -9.93
CA LYS C 98 35.14 16.15 -9.59
C LYS C 98 34.16 15.88 -8.41
N THR C 99 33.64 14.66 -8.34
CA THR C 99 32.62 14.28 -7.35
C THR C 99 33.22 13.57 -6.13
N TYR C 100 32.85 14.03 -4.93
CA TYR C 100 33.27 13.40 -3.68
C TYR C 100 32.09 13.15 -2.76
N GLN C 101 32.28 12.20 -1.86
CA GLN C 101 31.26 11.83 -0.89
C GLN C 101 31.44 12.63 0.40
N LEU C 102 30.36 13.28 0.84
CA LEU C 102 30.32 14.03 2.09
C LEU C 102 29.29 13.37 2.99
N ASP C 103 29.75 12.86 4.14
CA ASP C 103 28.86 12.21 5.10
C ASP C 103 28.56 13.15 6.27
N LEU C 104 27.27 13.41 6.49
CA LEU C 104 26.83 14.29 7.57
C LEU C 104 26.13 13.49 8.64
N PHE C 105 26.47 13.76 9.89
CA PHE C 105 25.84 13.12 11.03
C PHE C 105 25.39 14.17 12.04
N THR C 106 24.36 13.85 12.82
CA THR C 106 23.87 14.76 13.88
C THR C 106 23.99 14.16 15.25
N ALA C 107 24.40 15.00 16.22
CA ALA C 107 24.40 14.68 17.63
C ALA C 107 23.73 15.79 18.40
N LEU C 108 22.97 15.42 19.42
CA LEU C 108 22.48 16.38 20.40
C LEU C 108 23.63 16.76 21.35
N ALA C 109 23.49 17.93 21.99
CA ALA C 109 24.55 18.47 22.84
C ALA C 109 24.97 17.49 23.93
N GLU C 110 24.01 16.83 24.56
CA GLU C 110 24.31 15.83 25.60
C GLU C 110 24.99 14.55 25.08
N GLU C 111 24.88 14.30 23.76
CA GLU C 111 25.54 13.17 23.10
C GLU C 111 26.93 13.49 22.56
N LYS C 112 27.32 14.76 22.53
CA LYS C 112 28.49 15.23 21.77
C LYS C 112 29.80 14.42 21.97
N PRO C 113 30.26 14.23 23.22
CA PRO C 113 31.50 13.48 23.39
C PRO C 113 31.39 12.01 22.93
N TYR C 114 30.21 11.41 23.12
CA TYR C 114 29.94 10.05 22.70
C TYR C 114 29.94 9.98 21.17
N ALA C 115 29.35 10.98 20.55
CA ALA C 115 29.32 11.09 19.09
C ALA C 115 30.71 11.31 18.51
N ILE C 116 31.47 12.23 19.08
CA ILE C 116 32.84 12.48 18.61
C ILE C 116 33.69 11.20 18.68
N PHE C 117 33.61 10.50 19.81
CA PHE C 117 34.37 9.26 20.03
C PHE C 117 33.99 8.19 19.01
N HIS C 118 32.69 8.00 18.80
CA HIS C 118 32.20 7.04 17.81
C HIS C 118 32.62 7.38 16.37
N PHE C 119 32.31 8.60 15.93
CA PHE C 119 32.57 8.99 14.53
C PHE C 119 34.04 9.22 14.21
N THR C 120 34.89 9.31 15.23
CA THR C 120 36.33 9.38 15.00
C THR C 120 36.89 8.01 14.58
N GLY C 121 36.35 6.93 15.15
CA GLY C 121 36.85 5.61 14.88
C GLY C 121 38.33 5.48 15.29
N PRO C 122 39.11 4.64 14.62
CA PRO C 122 38.68 3.76 13.53
C PRO C 122 37.82 2.62 14.03
N VAL C 123 37.22 1.89 13.10
CA VAL C 123 36.25 0.84 13.41
C VAL C 123 36.87 -0.24 14.32
N SER C 124 38.06 -0.72 13.96
CA SER C 124 38.78 -1.72 14.76
C SER C 124 38.92 -1.34 16.24
N TYR C 125 39.27 -0.08 16.47
CA TYR C 125 39.43 0.47 17.81
C TYR C 125 38.11 0.49 18.60
N LEU C 126 37.03 0.90 17.93
CA LEU C 126 35.71 0.90 18.55
C LEU C 126 35.28 -0.51 18.94
N ILE C 127 35.49 -1.48 18.04
CA ILE C 127 35.14 -2.88 18.28
C ILE C 127 35.81 -3.41 19.55
N ARG C 128 37.12 -3.15 19.66
CA ARG C 128 37.91 -3.56 20.80
C ARG C 128 37.42 -2.93 22.11
N ILE C 129 37.23 -1.61 22.08
CA ILE C 129 36.72 -0.85 23.23
C ILE C 129 35.35 -1.36 23.67
N ARG C 130 34.47 -1.54 22.69
CA ARG C 130 33.10 -1.92 22.96
C ARG C 130 33.02 -3.36 23.48
N ALA C 131 33.87 -4.24 22.93
CA ALA C 131 33.95 -5.63 23.39
C ALA C 131 34.34 -5.70 24.85
N ALA C 132 35.34 -4.90 25.23
CA ALA C 132 35.80 -4.85 26.63
C ALA C 132 34.69 -4.36 27.55
N LEU C 133 34.01 -3.28 27.16
CA LEU C 133 32.90 -2.75 27.96
C LEU C 133 31.74 -3.75 28.05
N LYS C 134 31.49 -4.48 26.96
CA LYS C 134 30.45 -5.51 26.92
C LYS C 134 30.67 -6.64 27.95
N LYS C 135 31.92 -7.05 28.15
CA LYS C 135 32.26 -8.03 29.20
C LYS C 135 31.79 -7.59 30.59
N LYS C 136 31.80 -6.27 30.85
CA LYS C 136 31.31 -5.71 32.13
C LYS C 136 29.83 -5.30 32.12
N ASN C 137 29.05 -5.84 31.18
CA ASN C 137 27.62 -5.55 31.02
C ASN C 137 27.28 -4.09 30.67
N TYR C 138 28.19 -3.41 29.98
CA TYR C 138 27.91 -2.07 29.45
C TYR C 138 27.67 -2.14 27.95
N LYS C 139 27.00 -1.13 27.42
CA LYS C 139 26.87 -0.94 25.99
C LYS C 139 27.21 0.51 25.68
N LEU C 140 28.23 0.71 24.85
CA LEU C 140 28.65 2.04 24.42
C LEU C 140 28.24 2.27 22.97
N ASN C 141 27.62 3.42 22.71
CA ASN C 141 27.31 3.82 21.35
C ASN C 141 27.51 5.33 21.19
N GLN C 142 27.13 5.87 20.03
CA GLN C 142 27.27 7.31 19.73
C GLN C 142 26.38 8.24 20.56
N TYR C 143 25.43 7.66 21.30
CA TYR C 143 24.49 8.42 22.13
C TYR C 143 24.82 8.46 23.61
N GLY C 144 25.58 7.49 24.10
CA GLY C 144 25.80 7.37 25.53
C GLY C 144 26.37 6.03 25.95
N LEU C 145 26.64 5.91 27.26
CA LEU C 145 27.03 4.64 27.87
C LEU C 145 25.81 4.09 28.58
N PHE C 146 25.52 2.81 28.35
CA PHE C 146 24.32 2.16 28.88
C PHE C 146 24.66 0.89 29.68
N LYS C 147 23.79 0.57 30.64
CA LYS C 147 23.83 -0.68 31.39
C LYS C 147 22.39 -1.09 31.69
N ASN C 148 22.04 -2.31 31.35
CA ASN C 148 20.68 -2.81 31.44
C ASN C 148 19.69 -1.87 30.75
N GLN C 149 20.07 -1.47 29.53
CA GLN C 149 19.25 -0.63 28.66
C GLN C 149 18.92 0.75 29.28
N THR C 150 19.75 1.21 30.22
CA THR C 150 19.52 2.44 30.96
C THR C 150 20.77 3.32 30.87
N LEU C 151 20.57 4.60 30.57
CA LEU C 151 21.68 5.53 30.39
C LEU C 151 22.46 5.69 31.69
N VAL C 152 23.77 5.51 31.61
CA VAL C 152 24.66 5.70 32.75
C VAL C 152 25.07 7.19 32.74
N PRO C 153 24.56 7.98 33.69
CA PRO C 153 24.86 9.41 33.59
C PRO C 153 26.29 9.68 34.07
N LEU C 154 27.21 9.83 33.12
CA LEU C 154 28.58 10.19 33.43
C LEU C 154 28.67 11.71 33.56
N LYS C 155 29.54 12.18 34.46
CA LYS C 155 29.74 13.62 34.67
C LYS C 155 30.94 14.06 33.84
N ILE C 156 30.70 14.16 32.53
CA ILE C 156 31.75 14.47 31.55
C ILE C 156 31.23 15.43 30.48
N THR C 157 32.16 16.17 29.88
CA THR C 157 31.86 17.17 28.84
C THR C 157 32.60 16.92 27.53
N THR C 158 33.87 16.55 27.61
CA THR C 158 34.71 16.34 26.44
C THR C 158 34.97 14.88 26.15
N GLU C 159 35.46 14.62 24.94
CA GLU C 159 35.85 13.28 24.51
C GLU C 159 36.96 12.68 25.38
N LYS C 160 37.95 13.51 25.74
CA LYS C 160 39.07 13.08 26.58
C LYS C 160 38.60 12.59 27.96
N GLU C 161 37.65 13.31 28.56
CA GLU C 161 37.06 12.94 29.84
C GLU C 161 36.27 11.64 29.77
N LEU C 162 35.52 11.45 28.68
CA LEU C 162 34.80 10.20 28.45
C LEU C 162 35.76 9.02 28.38
N ILE C 163 36.77 9.12 27.53
CA ILE C 163 37.74 8.04 27.30
C ILE C 163 38.38 7.60 28.63
N LYS C 164 38.78 8.57 29.44
CA LYS C 164 39.39 8.30 30.74
C LYS C 164 38.37 7.74 31.75
N GLU C 165 37.16 8.29 31.76
CA GLU C 165 36.08 7.78 32.59
C GLU C 165 35.67 6.32 32.27
N LEU C 166 35.77 5.93 31.00
CA LEU C 166 35.50 4.55 30.59
C LEU C 166 36.58 3.55 30.97
N GLY C 167 37.75 4.06 31.40
CA GLY C 167 38.87 3.23 31.85
C GLY C 167 39.91 2.91 30.80
N PHE C 168 40.02 3.76 29.77
CA PHE C 168 40.95 3.52 28.68
C PHE C 168 42.00 4.63 28.58
N THR C 169 43.10 4.32 27.91
CA THR C 169 44.17 5.27 27.70
C THR C 169 43.74 6.29 26.66
N TYR C 170 43.86 7.58 26.98
CA TYR C 170 43.64 8.60 25.97
C TYR C 170 44.75 8.54 24.93
N ARG C 171 44.33 8.55 23.66
CA ARG C 171 45.24 8.72 22.53
C ARG C 171 44.68 9.73 21.57
N ILE C 172 45.56 10.47 20.93
CA ILE C 172 45.16 11.42 19.90
C ILE C 172 44.57 10.63 18.72
N PRO C 173 43.58 11.20 18.01
CA PRO C 173 42.89 10.47 16.95
C PRO C 173 43.79 9.71 15.97
N LYS C 174 44.88 10.34 15.54
CA LYS C 174 45.84 9.72 14.63
C LYS C 174 46.45 8.41 15.16
N LYS C 175 46.59 8.29 16.48
CA LYS C 175 47.20 7.11 17.12
C LYS C 175 46.20 6.08 17.70
N ARG C 176 44.93 6.12 17.29
CA ARG C 176 43.93 5.15 17.78
C ARG C 176 43.85 3.93 16.87
N LEU C 177 43.88 2.74 17.46
CA LEU C 177 43.79 1.50 16.72
C LEU C 177 43.35 0.33 17.63
N GLY D 1 15.93 10.54 -9.34
CA GLY D 1 15.38 9.16 -9.22
C GLY D 1 14.72 8.65 -10.49
N GLY D 2 13.92 7.60 -10.34
CA GLY D 2 13.17 6.99 -11.44
C GLY D 2 11.69 7.29 -11.40
N GLY D 3 11.07 7.35 -12.59
CA GLY D 3 9.65 7.69 -12.72
C GLY D 3 8.72 6.54 -12.39
N MET D 4 7.43 6.84 -12.25
CA MET D 4 6.44 5.79 -12.04
C MET D 4 6.07 5.14 -13.37
N LEU D 5 5.65 3.87 -13.28
CA LEU D 5 5.31 3.04 -14.44
C LEU D 5 3.91 2.52 -14.28
N THR D 6 3.26 2.22 -15.41
CA THR D 6 2.03 1.46 -15.40
C THR D 6 2.37 -0.03 -15.31
N LEU D 7 1.37 -0.82 -14.94
CA LEU D 7 1.50 -2.28 -14.89
C LEU D 7 1.93 -2.85 -16.24
N ILE D 8 1.31 -2.39 -17.32
CA ILE D 8 1.63 -2.90 -18.67
C ILE D 8 3.06 -2.49 -19.12
N GLN D 9 3.50 -1.28 -18.78
CA GLN D 9 4.89 -0.85 -19.04
C GLN D 9 5.87 -1.76 -18.30
N GLY D 10 5.58 -2.01 -17.03
CA GLY D 10 6.36 -2.95 -16.22
C GLY D 10 6.49 -4.32 -16.86
N LYS D 11 5.35 -4.88 -17.27
CA LYS D 11 5.32 -6.19 -17.93
C LYS D 11 6.16 -6.19 -19.22
N LYS D 12 6.06 -5.10 -19.99
CA LYS D 12 6.85 -4.96 -21.24
C LYS D 12 8.34 -4.91 -20.95
N ILE D 13 8.73 -4.17 -19.92
CA ILE D 13 10.13 -4.10 -19.50
C ILE D 13 10.66 -5.48 -19.10
N VAL D 14 9.87 -6.23 -18.31
CA VAL D 14 10.31 -7.53 -17.83
C VAL D 14 10.50 -8.48 -19.02
N ASN D 15 9.51 -8.48 -19.90
CA ASN D 15 9.57 -9.31 -21.11
C ASN D 15 10.84 -9.04 -21.93
N HIS D 16 11.15 -7.76 -22.10
CA HIS D 16 12.37 -7.34 -22.78
C HIS D 16 13.63 -7.85 -22.07
N LEU D 17 13.64 -7.71 -20.74
CA LEU D 17 14.78 -8.15 -19.93
C LEU D 17 15.05 -9.66 -19.90
N ARG D 18 13.99 -10.46 -20.03
CA ARG D 18 14.10 -11.92 -19.88
C ARG D 18 15.15 -12.61 -20.74
N SER D 19 15.41 -12.07 -21.92
CA SER D 19 16.40 -12.65 -22.83
C SER D 19 17.71 -11.87 -22.88
N ARG D 20 17.82 -10.79 -22.10
CA ARG D 20 18.94 -9.85 -22.22
C ARG D 20 19.78 -9.69 -20.96
N LEU D 21 19.50 -10.47 -19.91
CA LEU D 21 20.27 -10.36 -18.67
C LEU D 21 21.42 -11.31 -18.71
N ALA D 22 22.58 -10.84 -18.25
CA ALA D 22 23.79 -11.64 -18.16
C ALA D 22 24.70 -11.07 -17.09
N PHE D 23 25.76 -11.79 -16.77
CA PHE D 23 26.80 -11.26 -15.88
C PHE D 23 28.17 -11.66 -16.36
N GLU D 24 29.16 -10.83 -16.05
CA GLU D 24 30.53 -11.08 -16.42
C GLU D 24 31.23 -11.86 -15.29
N TYR D 25 31.75 -13.03 -15.63
CA TYR D 25 32.40 -13.93 -14.67
C TYR D 25 33.86 -14.13 -15.10
N ASN D 26 34.75 -13.38 -14.47
CA ASN D 26 36.18 -13.40 -14.79
C ASN D 26 36.40 -13.27 -16.30
N GLY D 27 35.78 -12.25 -16.90
CA GLY D 27 35.91 -11.97 -18.33
C GLY D 27 34.95 -12.69 -19.28
N GLN D 28 34.19 -13.65 -18.76
CA GLN D 28 33.26 -14.45 -19.56
C GLN D 28 31.82 -13.96 -19.34
N LEU D 29 31.15 -13.60 -20.42
CA LEU D 29 29.75 -13.20 -20.36
C LEU D 29 28.86 -14.44 -20.22
N ILE D 30 28.17 -14.56 -19.09
CA ILE D 30 27.30 -15.69 -18.79
C ILE D 30 25.86 -15.23 -18.79
N LYS D 31 25.08 -15.79 -19.71
CA LYS D 31 23.67 -15.46 -19.81
C LYS D 31 22.89 -15.97 -18.62
N ILE D 32 21.97 -15.14 -18.14
CA ILE D 32 21.02 -15.54 -17.12
C ILE D 32 19.79 -16.05 -17.85
N LEU D 33 19.30 -17.22 -17.44
CA LEU D 33 18.21 -17.87 -18.15
C LEU D 33 16.87 -17.33 -17.69
N SER D 34 15.93 -17.23 -18.62
CA SER D 34 14.56 -16.77 -18.31
C SER D 34 13.91 -17.53 -17.16
N LYS D 35 14.07 -18.85 -17.11
CA LYS D 35 13.51 -19.67 -16.03
C LYS D 35 14.06 -19.30 -14.64
N ASN D 36 15.23 -18.64 -14.59
CA ASN D 36 15.83 -18.14 -13.35
C ASN D 36 15.54 -16.66 -13.07
N ILE D 37 14.54 -16.10 -13.73
CA ILE D 37 14.14 -14.72 -13.54
C ILE D 37 12.67 -14.73 -13.15
N VAL D 38 12.38 -14.25 -11.93
CA VAL D 38 11.02 -14.19 -11.41
C VAL D 38 10.62 -12.74 -11.11
N ALA D 39 9.50 -12.30 -11.70
CA ALA D 39 8.93 -10.98 -11.37
C ALA D 39 8.36 -11.07 -9.97
N VAL D 40 8.72 -10.10 -9.13
CA VAL D 40 8.29 -10.07 -7.72
C VAL D 40 7.78 -8.66 -7.44
N GLY D 41 7.64 -8.30 -6.16
CA GLY D 41 7.18 -6.96 -5.79
C GLY D 41 5.78 -6.62 -6.26
N SER D 42 5.50 -5.32 -6.37
CA SER D 42 4.15 -4.85 -6.73
C SER D 42 3.72 -5.29 -8.13
N LEU D 43 4.68 -5.49 -9.04
CA LEU D 43 4.40 -6.03 -10.38
C LEU D 43 3.76 -7.40 -10.31
N ARG D 44 4.30 -8.30 -9.49
CA ARG D 44 3.70 -9.61 -9.32
C ARG D 44 2.34 -9.52 -8.63
N ARG D 45 2.19 -8.55 -7.72
CA ARG D 45 0.90 -8.28 -7.07
C ARG D 45 -0.12 -7.56 -7.98
N GLU D 46 0.27 -7.21 -9.20
CA GLU D 46 -0.62 -6.66 -10.23
C GLU D 46 -1.21 -5.31 -9.83
N GLU D 47 -0.40 -4.48 -9.18
CA GLU D 47 -0.82 -3.12 -8.87
C GLU D 47 -0.78 -2.31 -10.15
N LYS D 48 -1.65 -1.31 -10.24
CA LYS D 48 -1.87 -0.60 -11.49
C LYS D 48 -0.72 0.35 -11.83
N MET D 49 -0.18 1.02 -10.82
CA MET D 49 1.05 1.82 -10.97
C MET D 49 2.16 1.21 -10.13
N LEU D 50 3.38 1.31 -10.66
CA LEU D 50 4.57 0.73 -10.05
C LEU D 50 5.60 1.83 -9.80
N ASN D 51 6.16 1.83 -8.60
CA ASN D 51 7.32 2.68 -8.25
C ASN D 51 8.57 2.24 -8.95
N ASP D 52 8.63 0.94 -9.24
CA ASP D 52 9.78 0.32 -9.89
C ASP D 52 9.44 -1.09 -10.38
N VAL D 53 10.42 -1.73 -11.01
CA VAL D 53 10.31 -3.13 -11.41
C VAL D 53 11.24 -3.96 -10.53
N ASP D 54 10.71 -5.02 -9.92
CA ASP D 54 11.47 -5.92 -9.05
C ASP D 54 11.63 -7.28 -9.69
N LEU D 55 12.88 -7.71 -9.85
CA LEU D 55 13.21 -9.03 -10.36
C LEU D 55 14.05 -9.82 -9.38
N LEU D 56 13.68 -11.08 -9.20
CA LEU D 56 14.46 -12.04 -8.42
C LEU D 56 15.20 -12.95 -9.39
N ILE D 57 16.52 -13.03 -9.20
CA ILE D 57 17.39 -13.89 -10.02
C ILE D 57 17.81 -15.11 -9.18
N ILE D 58 17.53 -16.29 -9.70
CA ILE D 58 17.89 -17.53 -9.03
C ILE D 58 19.28 -17.91 -9.50
N VAL D 59 20.21 -18.02 -8.56
CA VAL D 59 21.62 -18.28 -8.84
C VAL D 59 21.93 -19.74 -8.44
N PRO D 60 22.45 -20.56 -9.39
CA PRO D 60 22.57 -22.00 -9.15
C PRO D 60 23.69 -22.43 -8.20
N GLU D 61 24.70 -21.59 -7.97
CA GLU D 61 25.85 -21.93 -7.10
C GLU D 61 26.22 -20.75 -6.19
N LYS D 62 26.58 -21.05 -4.95
CA LYS D 62 26.91 -20.01 -3.95
C LYS D 62 28.11 -19.17 -4.38
N LYS D 63 29.08 -19.82 -5.03
CA LYS D 63 30.30 -19.15 -5.48
C LYS D 63 30.03 -18.02 -6.49
N LEU D 64 28.92 -18.13 -7.23
CA LEU D 64 28.54 -17.12 -8.20
C LEU D 64 27.98 -15.82 -7.63
N LEU D 65 27.47 -15.85 -6.40
CA LEU D 65 26.88 -14.65 -5.79
C LEU D 65 27.79 -13.41 -5.82
N LYS D 66 29.11 -13.60 -5.63
CA LYS D 66 30.08 -12.45 -5.71
C LYS D 66 30.13 -11.84 -7.10
N HIS D 67 29.71 -12.60 -8.13
CA HIS D 67 29.86 -12.18 -9.51
C HIS D 67 28.59 -11.65 -10.18
N VAL D 68 27.41 -12.15 -9.81
CA VAL D 68 26.20 -11.93 -10.61
C VAL D 68 25.75 -10.46 -10.64
N LEU D 69 25.28 -9.94 -9.52
CA LEU D 69 24.80 -8.55 -9.49
C LEU D 69 25.92 -7.51 -9.62
N PRO D 70 27.05 -7.72 -8.93
CA PRO D 70 28.18 -6.80 -9.12
C PRO D 70 28.74 -6.68 -10.55
N ASN D 71 28.51 -7.67 -11.42
CA ASN D 71 28.91 -7.58 -12.83
C ASN D 71 27.73 -7.76 -13.77
N ILE D 72 26.56 -7.27 -13.38
CA ILE D 72 25.35 -7.44 -14.18
C ILE D 72 25.52 -6.72 -15.54
N ARG D 73 24.94 -7.31 -16.58
CA ARG D 73 24.94 -6.74 -17.92
C ARG D 73 23.54 -6.86 -18.49
N ILE D 74 23.12 -5.83 -19.21
CA ILE D 74 21.83 -5.85 -19.91
C ILE D 74 22.11 -5.49 -21.37
N LYS D 75 21.88 -6.43 -22.27
CA LYS D 75 22.13 -6.21 -23.70
C LYS D 75 21.26 -5.06 -24.26
N GLY D 76 21.91 -4.09 -24.86
CA GLY D 76 21.24 -3.03 -25.59
C GLY D 76 20.48 -1.98 -24.81
N LEU D 77 20.52 -2.03 -23.48
CA LEU D 77 19.75 -1.11 -22.63
C LEU D 77 20.71 -0.22 -21.86
N SER D 78 20.46 1.09 -21.89
CA SER D 78 21.22 2.09 -21.13
C SER D 78 20.81 2.02 -19.65
N PHE D 79 21.79 1.87 -18.76
CA PHE D 79 21.51 1.92 -17.33
C PHE D 79 22.71 2.41 -16.53
N SER D 80 22.43 2.83 -15.30
CA SER D 80 23.46 3.14 -14.30
C SER D 80 23.12 2.48 -12.96
N VAL D 81 24.14 2.31 -12.12
CA VAL D 81 24.04 1.57 -10.86
C VAL D 81 24.00 2.52 -9.67
N LYS D 82 22.92 2.47 -8.89
CA LYS D 82 22.79 3.32 -7.69
C LYS D 82 23.39 2.73 -6.44
N VAL D 83 22.96 1.53 -6.08
CA VAL D 83 23.61 0.77 -5.00
C VAL D 83 23.64 -0.68 -5.48
N CYS D 84 24.69 -1.43 -5.12
CA CYS D 84 24.84 -2.81 -5.61
C CYS D 84 25.71 -3.63 -4.68
N GLY D 85 25.22 -4.79 -4.30
CA GLY D 85 26.02 -5.83 -3.66
C GLY D 85 25.61 -7.17 -4.22
N GLU D 86 25.90 -8.22 -3.48
CA GLU D 86 25.65 -9.60 -3.92
C GLU D 86 24.16 -9.96 -3.93
N ARG D 87 23.39 -9.31 -3.06
CA ARG D 87 21.98 -9.67 -2.82
C ARG D 87 20.95 -8.64 -3.27
N LYS D 88 21.33 -7.36 -3.39
CA LYS D 88 20.46 -6.30 -3.88
C LYS D 88 21.26 -5.38 -4.79
N CYS D 89 20.70 -5.07 -5.95
CA CYS D 89 21.30 -4.12 -6.88
C CYS D 89 20.18 -3.26 -7.47
N VAL D 90 20.29 -1.95 -7.28
CA VAL D 90 19.29 -1.00 -7.78
C VAL D 90 19.87 -0.28 -9.00
N LEU D 91 19.17 -0.38 -10.12
CA LEU D 91 19.58 0.24 -11.37
C LEU D 91 18.58 1.30 -11.79
N PHE D 92 19.07 2.32 -12.48
CA PHE D 92 18.22 3.25 -13.23
C PHE D 92 18.40 2.94 -14.68
N ILE D 93 17.31 2.56 -15.35
CA ILE D 93 17.35 2.18 -16.77
C ILE D 93 16.65 3.23 -17.64
N GLU D 94 17.08 3.35 -18.90
CA GLU D 94 16.42 4.18 -19.89
C GLU D 94 15.46 3.30 -20.69
N TRP D 95 14.19 3.67 -20.73
CA TRP D 95 13.17 2.93 -21.49
C TRP D 95 12.23 3.92 -22.19
N GLU D 96 12.25 3.92 -23.53
CA GLU D 96 11.56 4.91 -24.37
C GLU D 96 11.79 6.33 -23.88
N LYS D 97 13.06 6.70 -23.75
CA LYS D 97 13.48 8.07 -23.40
C LYS D 97 13.09 8.54 -21.97
N LYS D 98 12.55 7.65 -21.13
CA LYS D 98 12.27 7.91 -19.72
C LYS D 98 13.14 7.02 -18.83
N THR D 99 13.45 7.50 -17.62
CA THR D 99 14.23 6.74 -16.64
C THR D 99 13.35 6.04 -15.61
N TYR D 100 13.60 4.75 -15.42
CA TYR D 100 12.91 3.97 -14.39
C TYR D 100 13.87 3.19 -13.51
N GLN D 101 13.39 2.84 -12.32
CA GLN D 101 14.16 2.08 -11.35
C GLN D 101 13.90 0.58 -11.53
N LEU D 102 14.97 -0.18 -11.66
CA LEU D 102 14.93 -1.64 -11.74
C LEU D 102 15.67 -2.21 -10.54
N ASP D 103 14.97 -2.95 -9.70
CA ASP D 103 15.56 -3.56 -8.51
C ASP D 103 15.79 -5.04 -8.74
N LEU D 104 17.05 -5.45 -8.57
CA LEU D 104 17.45 -6.85 -8.76
C LEU D 104 17.81 -7.46 -7.43
N PHE D 105 17.32 -8.67 -7.19
CA PHE D 105 17.68 -9.46 -6.00
C PHE D 105 18.13 -10.88 -6.41
N THR D 106 18.97 -11.50 -5.57
CA THR D 106 19.43 -12.88 -5.83
C THR D 106 18.99 -13.85 -4.74
N ALA D 107 18.59 -15.05 -5.15
CA ALA D 107 18.33 -16.18 -4.27
C ALA D 107 19.06 -17.41 -4.80
N LEU D 108 19.58 -18.21 -3.87
CA LEU D 108 20.06 -19.55 -4.21
C LEU D 108 18.87 -20.50 -4.39
N ALA D 109 19.10 -21.58 -5.10
CA ALA D 109 18.03 -22.53 -5.46
C ALA D 109 17.27 -23.04 -4.23
N GLU D 110 18.01 -23.38 -3.18
CA GLU D 110 17.41 -23.86 -1.94
C GLU D 110 16.60 -22.78 -1.18
N GLU D 111 16.87 -21.51 -1.49
CA GLU D 111 16.14 -20.37 -0.91
C GLU D 111 14.91 -19.94 -1.71
N LYS D 112 14.75 -20.45 -2.94
CA LYS D 112 13.81 -19.88 -3.92
C LYS D 112 12.38 -19.60 -3.41
N PRO D 113 11.70 -20.61 -2.85
CA PRO D 113 10.32 -20.34 -2.40
C PRO D 113 10.25 -19.32 -1.27
N TYR D 114 11.27 -19.32 -0.40
CA TYR D 114 11.36 -18.37 0.69
C TYR D 114 11.59 -16.97 0.14
N ALA D 115 12.45 -16.88 -0.87
CA ALA D 115 12.73 -15.62 -1.55
C ALA D 115 11.49 -15.07 -2.28
N ILE D 116 10.81 -15.93 -3.03
CA ILE D 116 9.61 -15.51 -3.77
C ILE D 116 8.56 -14.94 -2.80
N PHE D 117 8.35 -15.66 -1.70
CA PHE D 117 7.37 -15.26 -0.70
C PHE D 117 7.71 -13.90 -0.09
N HIS D 118 8.97 -13.75 0.31
CA HIS D 118 9.47 -12.48 0.86
C HIS D 118 9.36 -11.31 -0.14
N PHE D 119 9.95 -11.45 -1.33
CA PHE D 119 9.98 -10.35 -2.32
C PHE D 119 8.64 -10.05 -2.99
N THR D 120 7.66 -10.94 -2.87
CA THR D 120 6.30 -10.64 -3.32
C THR D 120 5.59 -9.63 -2.41
N GLY D 121 5.84 -9.72 -1.10
CA GLY D 121 5.18 -8.85 -0.14
C GLY D 121 3.67 -9.03 -0.20
N PRO D 122 2.87 -7.99 0.05
CA PRO D 122 3.35 -6.67 0.51
C PRO D 122 3.92 -6.72 1.94
N VAL D 123 4.54 -5.62 2.34
CA VAL D 123 5.22 -5.54 3.64
C VAL D 123 4.26 -5.84 4.80
N SER D 124 3.09 -5.21 4.81
CA SER D 124 2.08 -5.43 5.86
C SER D 124 1.75 -6.92 6.08
N TYR D 125 1.58 -7.64 4.97
CA TYR D 125 1.29 -9.08 4.99
C TYR D 125 2.45 -9.89 5.60
N LEU D 126 3.68 -9.56 5.21
CA LEU D 126 4.87 -10.23 5.76
C LEU D 126 4.99 -10.02 7.28
N ILE D 127 4.75 -8.78 7.71
CA ILE D 127 4.80 -8.42 9.14
C ILE D 127 3.83 -9.29 9.96
N ARG D 128 2.60 -9.39 9.46
CA ARG D 128 1.55 -10.17 10.10
C ARG D 128 1.91 -11.66 10.18
N ILE D 129 2.34 -12.21 9.05
CA ILE D 129 2.76 -13.63 8.95
C ILE D 129 3.93 -13.92 9.88
N ARG D 130 4.92 -13.03 9.86
CA ARG D 130 6.12 -13.22 10.65
C ARG D 130 5.84 -13.08 12.16
N ALA D 131 4.96 -12.15 12.51
CA ALA D 131 4.54 -11.94 13.91
C ALA D 131 3.88 -13.20 14.47
N ALA D 132 2.99 -13.80 13.68
CA ALA D 132 2.32 -15.04 14.08
C ALA D 132 3.30 -16.19 14.26
N LEU D 133 4.22 -16.35 13.31
CA LEU D 133 5.25 -17.38 13.44
C LEU D 133 6.15 -17.15 14.66
N LYS D 134 6.46 -15.88 14.94
CA LYS D 134 7.29 -15.51 16.08
C LYS D 134 6.67 -15.94 17.42
N LYS D 135 5.34 -15.85 17.55
CA LYS D 135 4.64 -16.35 18.74
C LYS D 135 4.92 -17.84 19.01
N LYS D 136 5.12 -18.62 17.96
CA LYS D 136 5.47 -20.06 18.08
C LYS D 136 6.99 -20.35 18.09
N ASN D 137 7.80 -19.33 18.40
CA ASN D 137 9.27 -19.44 18.42
C ASN D 137 9.94 -19.76 17.06
N TYR D 138 9.32 -19.33 15.97
CA TYR D 138 9.94 -19.42 14.64
C TYR D 138 10.43 -18.07 14.15
N LYS D 139 11.36 -18.09 13.19
CA LYS D 139 11.79 -16.88 12.47
C LYS D 139 11.76 -17.22 10.99
N LEU D 140 10.98 -16.45 10.22
CA LEU D 140 10.90 -16.60 8.77
C LEU D 140 11.59 -15.42 8.08
N ASN D 141 12.45 -15.74 7.12
CA ASN D 141 13.07 -14.72 6.26
C ASN D 141 13.15 -15.19 4.81
N GLN D 142 13.81 -14.42 3.96
CA GLN D 142 13.97 -14.74 2.52
C GLN D 142 14.83 -15.95 2.24
N TYR D 143 15.52 -16.47 3.27
CA TYR D 143 16.46 -17.58 3.14
C TYR D 143 15.91 -18.92 3.65
N GLY D 144 14.93 -18.88 4.55
CA GLY D 144 14.42 -20.11 5.18
C GLY D 144 13.56 -19.87 6.41
N LEU D 145 13.05 -20.97 6.98
CA LEU D 145 12.33 -20.94 8.25
C LEU D 145 13.29 -21.44 9.32
N PHE D 146 13.37 -20.72 10.44
CA PHE D 146 14.31 -21.03 11.53
C PHE D 146 13.61 -21.19 12.88
N LYS D 147 14.21 -21.99 13.75
CA LYS D 147 13.80 -22.11 15.15
C LYS D 147 15.07 -22.33 15.99
N ASN D 148 15.22 -21.52 17.04
CA ASN D 148 16.44 -21.49 17.84
C ASN D 148 17.69 -21.35 16.96
N GLN D 149 17.62 -20.39 16.03
CA GLN D 149 18.72 -20.05 15.13
C GLN D 149 19.20 -21.23 14.25
N THR D 150 18.31 -22.21 14.01
CA THR D 150 18.63 -23.43 13.25
C THR D 150 17.60 -23.62 12.14
N LEU D 151 18.07 -23.91 10.93
CA LEU D 151 17.21 -24.05 9.76
C LEU D 151 16.25 -25.22 9.96
N VAL D 152 14.96 -24.97 9.78
CA VAL D 152 13.93 -26.00 9.84
C VAL D 152 13.79 -26.59 8.43
N PRO D 153 14.26 -27.83 8.22
CA PRO D 153 14.24 -28.32 6.86
C PRO D 153 12.83 -28.74 6.46
N LEU D 154 12.14 -27.89 5.72
CA LEU D 154 10.81 -28.21 5.20
C LEU D 154 10.95 -28.95 3.90
N LYS D 155 10.03 -29.87 3.65
CA LYS D 155 10.03 -30.67 2.44
C LYS D 155 9.10 -30.02 1.42
N ILE D 156 9.59 -28.92 0.86
CA ILE D 156 8.81 -28.09 -0.07
C ILE D 156 9.66 -27.59 -1.22
N THR D 157 9.00 -27.29 -2.32
CA THR D 157 9.63 -26.81 -3.56
C THR D 157 9.12 -25.44 -4.01
N THR D 158 7.80 -25.26 -3.97
CA THR D 158 7.15 -24.06 -4.46
C THR D 158 6.69 -23.15 -3.34
N GLU D 159 6.37 -21.92 -3.71
CA GLU D 159 5.84 -20.92 -2.78
C GLU D 159 4.51 -21.37 -2.15
N LYS D 160 3.65 -21.96 -2.98
CA LYS D 160 2.33 -22.43 -2.53
C LYS D 160 2.47 -23.49 -1.44
N GLU D 161 3.41 -24.42 -1.62
CA GLU D 161 3.71 -25.48 -0.63
C GLU D 161 4.26 -24.91 0.67
N LEU D 162 5.14 -23.92 0.58
CA LEU D 162 5.65 -23.22 1.76
C LEU D 162 4.53 -22.56 2.56
N ILE D 163 3.72 -21.75 1.89
CA ILE D 163 2.62 -21.02 2.53
C ILE D 163 1.70 -21.97 3.30
N LYS D 164 1.34 -23.08 2.68
CA LYS D 164 0.48 -24.09 3.30
C LYS D 164 1.19 -24.85 4.43
N GLU D 165 2.46 -25.18 4.23
CA GLU D 165 3.28 -25.79 5.28
C GLU D 165 3.47 -24.90 6.52
N LEU D 166 3.52 -23.60 6.33
CA LEU D 166 3.63 -22.64 7.44
C LEU D 166 2.32 -22.45 8.22
N GLY D 167 1.21 -22.96 7.68
CA GLY D 167 -0.09 -22.94 8.35
C GLY D 167 -0.97 -21.76 7.99
N PHE D 168 -0.77 -21.21 6.79
CA PHE D 168 -1.54 -20.05 6.34
C PHE D 168 -2.32 -20.38 5.08
N THR D 169 -3.34 -19.57 4.82
CA THR D 169 -4.19 -19.70 3.64
C THR D 169 -3.42 -19.23 2.43
N TYR D 170 -3.37 -20.04 1.39
CA TYR D 170 -2.80 -19.60 0.14
C TYR D 170 -3.69 -18.53 -0.47
N ARG D 171 -3.08 -17.42 -0.87
CA ARG D 171 -3.74 -16.39 -1.66
C ARG D 171 -2.86 -16.02 -2.82
N ILE D 172 -3.50 -15.69 -3.94
CA ILE D 172 -2.77 -15.20 -5.10
C ILE D 172 -2.14 -13.85 -4.75
N PRO D 173 -0.96 -13.54 -5.32
CA PRO D 173 -0.24 -12.31 -4.94
C PRO D 173 -1.07 -11.02 -4.89
N LYS D 174 -2.03 -10.85 -5.81
CA LYS D 174 -2.84 -9.60 -5.84
C LYS D 174 -3.73 -9.50 -4.59
N LYS D 175 -4.10 -10.64 -4.00
CA LYS D 175 -5.00 -10.67 -2.84
C LYS D 175 -4.30 -10.83 -1.47
N ARG D 176 -2.98 -10.57 -1.40
CA ARG D 176 -2.25 -10.67 -0.13
C ARG D 176 -2.22 -9.33 0.58
N LEU D 177 -2.54 -9.33 1.88
CA LEU D 177 -2.53 -8.11 2.69
C LEU D 177 -2.28 -8.30 4.19
#